data_4J2Q
#
_entry.id   4J2Q
#
_cell.length_a   102.494
_cell.length_b   102.494
_cell.length_c   464.396
_cell.angle_alpha   90.00
_cell.angle_beta   90.00
_cell.angle_gamma   120.00
#
_symmetry.space_group_name_H-M   'P 61 2 2'
#
loop_
_entity.id
_entity.type
_entity.pdbx_description
1 polymer S-arrestin
2 water water
#
_entity_poly.entity_id   1
_entity_poly.type   'polypeptide(L)'
_entity_poly.pdbx_seq_one_letter_code
;ASWSHPQFEKMKANKPAPNHVIFKKISRDKSVTIYLGKRDYIDHVERVEPVDGVVLVDPELVKGKRVYVSLTCAFRYGQE
DIDVMGLSFRRDLYFSQVQVFPPVGASGATTRLQESLIKKLGANTYPFLLTFPDYLPCSVMLQPAPQDVGKSCGVDFEIK
AFATHSTDVEEDKIPKKSSVRLLIRKVQHAPRDMGPQPRAEASWQFFMSDKPLRLAVSLSKEIYYHGEPIPVTVAVTNST
EKTVKKIKVLVEQVTNVVLYSSDYYIKTVAAEEAQEKVPPNSSLTKTLTLVPLLANNRERRGIALDGKIKHEDTNLASST
IIKEGIDKTVMGILVSYQIKVKLTVSGLLGELTSSEVATEVPFRLMHPQPEDPDTAKESA
;
_entity_poly.pdbx_strand_id   A,B
#
# COMPACT_ATOMS: atom_id res chain seq x y z
N HIS A 20 14.48 8.94 30.86
CA HIS A 20 15.15 10.27 30.74
C HIS A 20 15.00 11.12 31.97
N VAL A 21 16.11 11.74 32.38
CA VAL A 21 16.19 12.61 33.55
C VAL A 21 16.72 14.01 33.14
N ILE A 22 16.53 15.00 34.02
CA ILE A 22 16.98 16.39 33.79
C ILE A 22 18.51 16.49 33.82
N PHE A 23 19.08 17.15 32.82
CA PHE A 23 20.53 17.35 32.68
C PHE A 23 20.90 18.78 32.28
N LYS A 24 22.07 19.22 32.72
CA LYS A 24 22.57 20.59 32.50
C LYS A 24 23.94 20.65 31.80
N LYS A 25 24.16 21.74 31.07
CA LYS A 25 25.49 22.11 30.57
C LYS A 25 25.73 23.62 30.74
N ILE A 26 26.86 23.94 31.35
CA ILE A 26 27.24 25.32 31.70
C ILE A 26 28.21 25.86 30.66
N SER A 27 28.06 27.15 30.34
CA SER A 27 29.01 27.91 29.49
C SER A 27 30.41 28.00 30.11
N ARG A 28 31.41 28.16 29.25
CA ARG A 28 32.83 28.23 29.63
C ARG A 28 33.17 29.41 30.55
N ASP A 29 32.50 30.54 30.32
CA ASP A 29 32.64 31.74 31.18
C ASP A 29 31.62 31.79 32.32
N LYS A 30 30.81 30.73 32.43
CA LYS A 30 29.71 30.58 33.41
C LYS A 30 28.64 31.68 33.36
N SER A 31 28.23 32.02 32.14
CA SER A 31 27.21 33.05 31.88
C SER A 31 25.83 32.44 31.65
N VAL A 32 25.76 31.39 30.83
CA VAL A 32 24.51 30.72 30.45
C VAL A 32 24.59 29.25 30.87
N THR A 33 23.55 28.80 31.58
CA THR A 33 23.36 27.38 31.89
C THR A 33 22.04 26.90 31.29
N ILE A 34 22.13 25.90 30.42
CA ILE A 34 20.96 25.33 29.72
C ILE A 34 20.44 24.07 30.43
N TYR A 35 19.10 23.98 30.54
CA TYR A 35 18.44 22.82 31.15
C TYR A 35 17.45 22.18 30.18
N LEU A 36 17.53 20.85 30.08
CA LEU A 36 16.59 20.04 29.30
C LEU A 36 16.12 18.83 30.09
N GLY A 37 14.90 18.38 29.79
CA GLY A 37 14.29 17.21 30.44
C GLY A 37 14.60 15.88 29.78
N LYS A 38 14.78 15.91 28.46
CA LYS A 38 15.06 14.72 27.64
C LYS A 38 15.94 15.02 26.43
N ARG A 39 16.66 14.00 25.96
CA ARG A 39 17.50 14.09 24.76
C ARG A 39 16.78 13.71 23.46
N ASP A 40 15.89 12.72 23.55
CA ASP A 40 15.13 12.22 22.40
C ASP A 40 13.79 12.94 22.27
N TYR A 41 13.50 13.40 21.05
CA TYR A 41 12.23 14.05 20.72
C TYR A 41 11.55 13.29 19.59
N ILE A 42 10.35 12.80 19.87
CA ILE A 42 9.67 11.82 19.01
C ILE A 42 8.96 12.52 17.85
N ASP A 43 9.28 12.06 16.63
CA ASP A 43 8.58 12.48 15.42
C ASP A 43 7.41 11.53 15.17
N HIS A 44 6.27 11.84 15.80
CA HIS A 44 4.97 11.31 15.39
C HIS A 44 4.65 11.98 14.09
N VAL A 45 4.15 11.19 13.13
CA VAL A 45 4.05 11.60 11.71
C VAL A 45 3.20 12.88 11.53
N GLU A 46 2.13 13.01 12.30
CA GLU A 46 1.25 14.18 12.29
C GLU A 46 1.83 15.43 12.97
N ARG A 47 2.57 15.24 14.07
CA ARG A 47 3.17 16.33 14.85
C ARG A 47 4.44 15.91 15.60
N VAL A 48 5.47 16.74 15.50
CA VAL A 48 6.77 16.46 16.14
C VAL A 48 6.81 17.06 17.55
N GLU A 49 7.37 16.29 18.49
CA GLU A 49 7.53 16.68 19.89
C GLU A 49 8.48 17.90 20.02
N PRO A 50 7.97 19.04 20.54
CA PRO A 50 8.79 20.26 20.63
C PRO A 50 9.84 20.21 21.75
N VAL A 51 10.93 20.95 21.56
CA VAL A 51 12.00 21.07 22.58
C VAL A 51 11.60 22.13 23.60
N ASP A 52 11.29 21.67 24.81
CA ASP A 52 10.96 22.53 25.95
C ASP A 52 12.06 22.49 27.01
N GLY A 53 12.52 23.68 27.39
CA GLY A 53 13.56 23.85 28.41
C GLY A 53 13.62 25.24 28.98
N VAL A 54 14.59 25.45 29.87
CA VAL A 54 14.86 26.78 30.47
C VAL A 54 16.35 27.12 30.39
N VAL A 55 16.67 28.41 30.49
CA VAL A 55 18.06 28.88 30.63
C VAL A 55 18.29 29.72 31.89
N LEU A 56 19.17 29.23 32.76
CA LEU A 56 19.63 29.97 33.94
C LEU A 56 20.75 30.93 33.53
N VAL A 57 20.58 32.19 33.90
CA VAL A 57 21.52 33.26 33.54
C VAL A 57 22.11 33.96 34.79
N ASP A 58 23.31 34.49 34.64
CA ASP A 58 23.94 35.32 35.67
C ASP A 58 23.83 36.80 35.27
N PRO A 59 23.05 37.61 36.04
CA PRO A 59 22.66 38.98 35.63
C PRO A 59 23.81 39.99 35.56
N GLU A 60 24.87 39.74 36.34
CA GLU A 60 26.09 40.56 36.32
C GLU A 60 26.89 40.39 35.02
N LEU A 61 27.04 39.13 34.60
CA LEU A 61 27.76 38.78 33.37
C LEU A 61 26.97 39.06 32.08
N VAL A 62 25.65 39.17 32.21
CA VAL A 62 24.75 39.31 31.06
C VAL A 62 24.12 40.73 30.94
N LYS A 63 24.56 41.64 31.81
CA LYS A 63 24.10 43.03 31.86
C LYS A 63 24.33 43.77 30.54
N GLY A 64 23.23 44.10 29.87
CA GLY A 64 23.24 44.77 28.56
C GLY A 64 23.35 43.86 27.35
N LYS A 65 23.37 42.55 27.58
CA LYS A 65 23.49 41.53 26.53
C LYS A 65 22.13 40.96 26.10
N ARG A 66 22.09 40.37 24.91
CA ARG A 66 20.91 39.65 24.40
C ARG A 66 21.20 38.15 24.31
N VAL A 67 20.29 37.34 24.85
CA VAL A 67 20.41 35.87 24.82
C VAL A 67 19.36 35.25 23.90
N TYR A 68 19.84 34.37 23.01
CA TYR A 68 19.01 33.64 22.05
C TYR A 68 19.26 32.13 22.21
N VAL A 69 18.19 31.35 22.09
CA VAL A 69 18.29 29.88 22.05
C VAL A 69 17.87 29.39 20.66
N SER A 70 18.74 28.59 20.03
CA SER A 70 18.56 28.13 18.65
C SER A 70 18.48 26.61 18.52
N LEU A 71 17.65 26.16 17.55
CA LEU A 71 17.59 24.77 17.13
C LEU A 71 18.12 24.63 15.70
N THR A 72 18.99 23.62 15.50
CA THR A 72 19.69 23.42 14.23
C THR A 72 19.67 21.95 13.80
N CYS A 73 19.37 21.74 12.52
CA CYS A 73 19.56 20.43 11.86
C CYS A 73 20.68 20.56 10.83
N ALA A 74 21.69 19.70 10.96
CA ALA A 74 22.89 19.75 10.12
C ALA A 74 23.29 18.39 9.54
N PHE A 75 23.44 18.36 8.22
CA PHE A 75 24.17 17.29 7.52
C PHE A 75 25.66 17.59 7.65
N ARG A 76 26.42 16.60 8.13
CA ARG A 76 27.86 16.76 8.39
C ARG A 76 28.68 15.67 7.71
N TYR A 77 29.85 16.07 7.21
CA TYR A 77 30.87 15.14 6.71
C TYR A 77 32.25 15.55 7.24
N GLY A 78 33.02 14.55 7.67
CA GLY A 78 34.36 14.75 8.21
C GLY A 78 35.42 13.95 7.47
N GLN A 79 36.62 14.53 7.36
CA GLN A 79 37.76 13.90 6.71
C GLN A 79 39.06 14.25 7.45
N GLU A 80 39.83 13.22 7.80
CA GLU A 80 41.08 13.36 8.54
C GLU A 80 42.16 12.37 8.07
N ASP A 81 43.29 12.94 7.63
CA ASP A 81 44.56 12.22 7.38
C ASP A 81 44.54 11.07 6.36
N ILE A 82 44.80 11.43 5.09
CA ILE A 82 45.21 10.49 4.04
C ILE A 82 46.48 11.05 3.35
N ASP A 83 46.35 12.26 2.79
CA ASP A 83 47.44 12.97 2.12
C ASP A 83 47.21 14.48 2.17
N MET A 85 44.54 16.98 4.40
CA MET A 85 44.32 16.32 5.68
C MET A 85 42.91 16.58 6.21
N GLY A 86 42.64 17.85 6.56
CA GLY A 86 41.39 18.26 7.20
C GLY A 86 40.38 18.82 6.23
N LEU A 87 39.21 18.18 6.20
CA LEU A 87 38.07 18.62 5.39
C LEU A 87 36.77 18.36 6.13
N SER A 88 35.98 19.42 6.31
CA SER A 88 34.65 19.31 6.92
C SER A 88 33.58 20.02 6.10
N PHE A 89 32.57 19.25 5.69
CA PHE A 89 31.39 19.76 4.99
C PHE A 89 30.21 19.84 5.95
N ARG A 90 29.45 20.93 5.84
CA ARG A 90 28.23 21.14 6.62
C ARG A 90 27.15 21.82 5.77
N ARG A 91 25.93 21.29 5.86
CA ARG A 91 24.74 21.96 5.33
C ARG A 91 23.66 22.02 6.42
N ASP A 92 23.26 23.26 6.76
CA ASP A 92 22.16 23.51 7.69
C ASP A 92 20.83 23.28 6.98
N LEU A 93 20.22 22.12 7.25
CA LEU A 93 18.92 21.76 6.69
C LEU A 93 17.78 22.54 7.35
N TYR A 94 18.01 22.95 8.60
CA TYR A 94 17.07 23.76 9.38
C TYR A 94 17.78 24.63 10.41
N PHE A 95 17.28 25.86 10.57
CA PHE A 95 17.71 26.78 11.63
C PHE A 95 16.55 27.66 12.08
N SER A 96 16.33 27.68 13.39
CA SER A 96 15.36 28.59 14.03
C SER A 96 15.86 29.02 15.41
N GLN A 97 15.56 30.27 15.77
CA GLN A 97 15.98 30.84 17.07
C GLN A 97 14.92 31.72 17.73
N VAL A 98 14.92 31.70 19.05
CA VAL A 98 14.05 32.57 19.87
C VAL A 98 14.85 33.33 20.94
N GLN A 99 14.50 34.61 21.12
CA GLN A 99 15.09 35.46 22.16
C GLN A 99 14.48 35.13 23.53
N VAL A 100 15.34 35.11 24.55
CA VAL A 100 14.93 34.84 25.94
C VAL A 100 15.28 35.97 26.92
N PHE A 101 16.39 36.65 26.65
CA PHE A 101 16.87 37.78 27.45
C PHE A 101 17.23 38.97 26.55
N PRO A 102 16.88 40.23 26.95
CA PRO A 102 16.03 40.63 28.08
C PRO A 102 14.54 40.32 27.86
N PRO A 103 13.82 39.88 28.93
CA PRO A 103 12.39 39.57 28.81
C PRO A 103 11.52 40.82 28.56
N VAL A 104 10.65 40.71 27.55
CA VAL A 104 9.66 41.75 27.26
C VAL A 104 8.27 41.18 27.58
N GLY A 105 7.71 41.66 28.68
CA GLY A 105 6.39 41.22 29.16
C GLY A 105 6.45 39.88 29.89
N ALA A 106 5.60 38.96 29.45
CA ALA A 106 5.41 37.66 30.11
C ALA A 106 5.55 36.48 29.13
N SER A 107 5.89 35.32 29.69
CA SER A 107 5.99 34.06 28.95
C SER A 107 4.61 33.57 28.47
N GLY A 108 4.61 32.83 27.35
CA GLY A 108 3.39 32.23 26.81
C GLY A 108 2.98 30.97 27.55
N ALA A 109 2.61 29.94 26.79
CA ALA A 109 2.28 28.63 27.35
C ALA A 109 3.56 27.89 27.76
N THR A 110 3.55 27.37 28.99
CA THR A 110 4.68 26.61 29.53
C THR A 110 4.28 25.19 29.91
N THR A 111 5.18 24.25 29.65
CA THR A 111 5.05 22.85 30.07
C THR A 111 5.29 22.72 31.59
N ARG A 112 4.83 21.59 32.16
CA ARG A 112 5.04 21.27 33.58
C ARG A 112 6.53 21.14 33.95
N LEU A 113 7.34 20.70 33.00
CA LEU A 113 8.81 20.64 33.13
C LEU A 113 9.44 22.03 33.29
N GLN A 114 8.98 22.98 32.49
CA GLN A 114 9.46 24.38 32.52
C GLN A 114 9.09 25.10 33.81
N GLU A 115 7.84 24.87 34.27
CA GLU A 115 7.31 25.47 35.50
C GLU A 115 8.02 24.95 36.76
N SER A 116 8.33 23.66 36.77
CA SER A 116 9.05 23.00 37.87
C SER A 116 10.51 23.46 37.99
N LEU A 117 11.15 23.68 36.84
CA LEU A 117 12.54 24.14 36.77
C LEU A 117 12.74 25.64 37.08
N ILE A 118 11.74 26.46 36.72
CA ILE A 118 11.71 27.90 37.05
C ILE A 118 11.59 28.12 38.57
N LYS A 119 10.71 27.35 39.21
CA LYS A 119 10.51 27.40 40.66
C LYS A 119 11.72 26.94 41.48
N LYS A 120 12.37 25.87 41.03
CA LYS A 120 13.50 25.25 41.73
C LYS A 120 14.79 26.07 41.65
N LEU A 121 15.02 26.71 40.51
CA LEU A 121 16.27 27.45 40.25
C LEU A 121 16.19 28.95 40.61
N GLY A 122 15.03 29.55 40.42
CA GLY A 122 14.74 30.90 40.91
C GLY A 122 14.36 31.93 39.88
N ALA A 123 14.77 33.18 40.14
CA ALA A 123 14.33 34.36 39.40
C ALA A 123 14.92 34.50 37.99
N ASN A 124 16.16 34.04 37.82
CA ASN A 124 16.91 34.23 36.57
C ASN A 124 16.86 33.03 35.60
N THR A 125 15.73 32.34 35.59
CA THR A 125 15.43 31.29 34.61
C THR A 125 14.37 31.74 33.61
N TYR A 126 14.63 31.49 32.33
CA TYR A 126 13.76 31.92 31.23
C TYR A 126 13.44 30.76 30.28
N PRO A 127 12.13 30.50 30.03
CA PRO A 127 11.74 29.34 29.22
C PRO A 127 11.92 29.56 27.71
N PHE A 128 12.24 28.47 27.01
CA PHE A 128 12.26 28.45 25.54
C PHE A 128 11.48 27.25 24.98
N LEU A 129 10.77 27.49 23.89
CA LEU A 129 10.12 26.43 23.12
C LEU A 129 10.49 26.56 21.63
N LEU A 130 11.16 25.53 21.12
CA LEU A 130 11.54 25.46 19.71
C LEU A 130 10.86 24.26 19.05
N THR A 131 10.02 24.57 18.06
CA THR A 131 9.18 23.57 17.38
C THR A 131 9.83 23.08 16.07
N PHE A 132 9.50 21.85 15.70
CA PHE A 132 9.93 21.25 14.43
C PHE A 132 8.84 21.37 13.36
N PRO A 133 9.23 21.67 12.10
CA PRO A 133 8.28 21.54 10.99
C PRO A 133 8.22 20.12 10.41
N ASP A 134 7.29 19.90 9.48
CA ASP A 134 6.98 18.57 8.93
C ASP A 134 8.04 17.96 7.99
N TYR A 135 8.91 18.79 7.44
CA TYR A 135 9.82 18.40 6.35
C TYR A 135 11.25 17.95 6.77
N LEU A 136 11.40 17.58 8.05
CA LEU A 136 12.73 17.30 8.62
C LEU A 136 13.07 15.81 8.77
N PRO A 137 14.36 15.43 8.57
CA PRO A 137 14.78 14.04 8.74
C PRO A 137 14.98 13.66 10.22
N CYS A 138 15.37 12.40 10.45
CA CYS A 138 15.72 11.90 11.78
C CYS A 138 17.23 11.77 11.94
N SER A 139 17.68 11.60 13.19
CA SER A 139 19.10 11.44 13.54
C SER A 139 19.65 10.12 13.00
N VAL A 140 20.26 10.20 11.82
CA VAL A 140 20.83 9.04 11.11
C VAL A 140 22.31 9.32 10.80
N MET A 141 23.18 8.40 11.20
CA MET A 141 24.60 8.41 10.85
C MET A 141 24.98 7.25 9.91
N LEU A 142 26.17 7.33 9.31
CA LEU A 142 26.67 6.28 8.40
C LEU A 142 27.94 5.62 8.94
N GLN A 143 27.98 4.29 8.86
CA GLN A 143 29.11 3.49 9.34
C GLN A 143 30.32 3.59 8.40
N PRO A 144 31.53 3.88 8.96
CA PRO A 144 32.75 3.87 8.15
C PRO A 144 33.42 2.49 8.06
N ALA A 145 34.27 2.33 7.04
CA ALA A 145 35.08 1.12 6.82
C ALA A 145 36.21 0.98 7.87
N PRO A 146 36.84 -0.23 7.98
CA PRO A 146 38.06 -0.39 8.79
C PRO A 146 39.22 0.56 8.44
N GLN A 147 39.44 0.77 7.14
CA GLN A 147 40.51 1.66 6.65
C GLN A 147 40.22 3.15 6.81
N ASP A 148 38.93 3.51 6.87
CA ASP A 148 38.48 4.89 7.06
C ASP A 148 38.67 5.34 8.50
N VAL A 149 39.89 5.82 8.80
CA VAL A 149 40.33 6.11 10.17
C VAL A 149 39.74 7.42 10.74
N GLY A 150 39.64 8.45 9.92
CA GLY A 150 39.14 9.77 10.33
C GLY A 150 37.99 10.28 9.48
N LYS A 151 37.06 9.39 9.13
CA LYS A 151 35.90 9.71 8.29
C LYS A 151 34.59 9.45 9.04
N SER A 152 33.72 10.46 9.04
CA SER A 152 32.42 10.42 9.73
C SER A 152 31.36 11.22 8.98
N CYS A 153 30.16 10.65 8.86
CA CYS A 153 29.04 11.27 8.13
C CYS A 153 27.70 10.98 8.81
N GLY A 154 26.87 12.02 8.92
CA GLY A 154 25.54 11.88 9.52
C GLY A 154 24.75 13.17 9.72
N VAL A 155 23.44 13.01 9.93
CA VAL A 155 22.51 14.11 10.24
C VAL A 155 22.29 14.14 11.75
N ASP A 156 22.59 15.29 12.36
CA ASP A 156 22.47 15.49 13.81
C ASP A 156 21.81 16.82 14.18
N PHE A 157 21.15 16.83 15.35
CA PHE A 157 20.40 17.97 15.86
C PHE A 157 21.11 18.63 17.03
N GLU A 158 20.97 19.96 17.14
CA GLU A 158 21.67 20.77 18.14
C GLU A 158 20.77 21.83 18.78
N ILE A 159 20.88 21.96 20.10
CA ILE A 159 20.31 23.09 20.86
C ILE A 159 21.46 23.95 21.38
N LYS A 160 21.41 25.24 21.05
CA LYS A 160 22.49 26.19 21.38
C LYS A 160 21.95 27.50 21.95
N ALA A 161 22.35 27.81 23.18
CA ALA A 161 22.08 29.10 23.83
C ALA A 161 23.35 29.95 23.90
N PHE A 162 23.22 31.24 23.55
CA PHE A 162 24.36 32.14 23.39
C PHE A 162 24.05 33.61 23.71
N ALA A 163 25.04 34.30 24.27
CA ALA A 163 24.94 35.74 24.57
C ALA A 163 25.53 36.61 23.45
N THR A 164 24.96 37.80 23.27
CA THR A 164 25.31 38.72 22.18
C THR A 164 25.53 40.14 22.72
N HIS A 165 26.67 40.72 22.34
CA HIS A 165 27.04 42.10 22.73
C HIS A 165 26.30 43.12 21.92
N LYS A 173 27.79 40.48 17.19
CA LYS A 173 29.00 40.01 17.86
C LYS A 173 28.66 38.94 18.90
N ILE A 174 28.97 37.68 18.56
CA ILE A 174 28.75 36.52 19.44
C ILE A 174 30.12 35.97 19.88
N PRO A 175 30.42 36.02 21.21
CA PRO A 175 31.59 35.32 21.74
C PRO A 175 31.38 33.80 21.82
N LYS A 176 32.44 33.04 21.52
CA LYS A 176 32.44 31.58 21.60
C LYS A 176 32.36 31.08 23.05
N LYS A 177 32.97 31.84 23.97
CA LYS A 177 33.00 31.53 25.40
C LYS A 177 31.64 31.61 26.09
N SER A 178 30.75 32.47 25.59
CA SER A 178 29.40 32.68 26.14
C SER A 178 28.38 31.62 25.69
N SER A 179 28.62 31.01 24.52
CA SER A 179 27.74 29.99 23.95
C SER A 179 27.85 28.65 24.67
N VAL A 180 26.74 27.90 24.66
CA VAL A 180 26.71 26.50 25.12
C VAL A 180 25.85 25.64 24.17
N ARG A 181 26.46 24.56 23.66
CA ARG A 181 25.80 23.65 22.71
C ARG A 181 25.53 22.27 23.31
N LEU A 182 24.39 21.70 22.96
CA LEU A 182 23.92 20.43 23.53
C LEU A 182 23.18 19.60 22.47
N LEU A 183 23.66 18.38 22.24
CA LEU A 183 23.12 17.47 21.23
C LEU A 183 21.78 16.88 21.65
N ILE A 184 20.85 16.85 20.71
CA ILE A 184 19.54 16.19 20.85
C ILE A 184 19.27 15.25 19.66
N ARG A 185 18.28 14.37 19.81
CA ARG A 185 17.90 13.41 18.75
C ARG A 185 16.44 13.53 18.35
N LYS A 186 16.20 13.49 17.03
CA LYS A 186 14.86 13.30 16.48
C LYS A 186 14.70 11.82 16.15
N VAL A 187 13.78 11.16 16.86
CA VAL A 187 13.61 9.70 16.83
C VAL A 187 12.17 9.38 16.38
N GLN A 188 12.02 8.23 15.70
CA GLN A 188 10.70 7.66 15.37
C GLN A 188 10.52 6.27 15.96
N HIS A 189 9.32 6.01 16.47
CA HIS A 189 8.90 4.69 16.92
C HIS A 189 7.85 4.11 16.02
N ALA A 190 7.60 2.80 16.14
CA ALA A 190 6.56 2.08 15.39
C ALA A 190 5.15 2.60 15.75
N PRO A 191 4.30 2.85 14.72
CA PRO A 191 2.94 3.37 14.95
C PRO A 191 2.00 2.37 15.60
N ARG A 192 0.93 2.88 16.20
CA ARG A 192 -0.12 2.07 16.84
C ARG A 192 -0.88 1.21 15.82
N ASP A 193 -1.19 1.81 14.66
CA ASP A 193 -1.88 1.13 13.58
C ASP A 193 -0.91 0.63 12.51
N MET A 194 -0.93 -0.68 12.29
CA MET A 194 -0.09 -1.35 11.29
C MET A 194 -0.79 -1.39 9.93
N GLY A 195 0.01 -1.27 8.86
CA GLY A 195 -0.48 -1.37 7.49
C GLY A 195 -0.85 -2.80 7.07
N PRO A 196 -1.29 -2.98 5.79
CA PRO A 196 -1.72 -4.30 5.31
C PRO A 196 -0.55 -5.29 5.16
N GLN A 197 -0.89 -6.59 5.14
CA GLN A 197 0.09 -7.67 4.95
C GLN A 197 0.79 -7.53 3.61
N PRO A 198 2.14 -7.35 3.62
CA PRO A 198 2.89 -7.03 2.40
C PRO A 198 2.99 -8.21 1.44
N ARG A 199 2.44 -8.01 0.23
CA ARG A 199 2.38 -9.05 -0.80
C ARG A 199 2.84 -8.52 -2.16
N ALA A 200 3.68 -9.30 -2.83
CA ALA A 200 4.17 -8.99 -4.17
C ALA A 200 4.15 -10.23 -5.08
N GLU A 201 3.56 -10.06 -6.26
CA GLU A 201 3.50 -11.11 -7.27
C GLU A 201 4.14 -10.63 -8.59
N ALA A 202 4.75 -11.57 -9.31
CA ALA A 202 5.35 -11.33 -10.62
C ALA A 202 5.48 -12.62 -11.44
N SER A 203 5.18 -12.53 -12.74
CA SER A 203 5.33 -13.64 -13.69
C SER A 203 6.29 -13.30 -14.84
N TRP A 204 6.94 -14.33 -15.39
CA TRP A 204 7.92 -14.18 -16.46
C TRP A 204 7.78 -15.20 -17.55
N GLN A 205 7.96 -14.75 -18.79
CA GLN A 205 8.05 -15.63 -19.96
C GLN A 205 9.45 -15.58 -20.58
N PHE A 206 10.02 -16.76 -20.82
CA PHE A 206 11.39 -16.91 -21.32
C PHE A 206 11.47 -16.90 -22.85
N PHE A 207 12.69 -16.95 -23.39
CA PHE A 207 12.98 -16.62 -24.79
C PHE A 207 12.35 -17.53 -25.86
N MET A 208 12.38 -18.84 -25.64
CA MET A 208 11.78 -19.80 -26.56
C MET A 208 10.35 -20.22 -26.17
N SER A 209 10.18 -20.63 -24.92
CA SER A 209 8.91 -21.13 -24.41
C SER A 209 7.95 -20.00 -24.02
N ASP A 210 6.69 -20.15 -24.44
CA ASP A 210 5.59 -19.24 -24.08
C ASP A 210 5.00 -19.53 -22.68
N LYS A 211 5.47 -20.60 -22.04
CA LYS A 211 5.09 -21.00 -20.69
C LYS A 211 5.55 -19.97 -19.64
N PRO A 212 4.75 -19.73 -18.56
CA PRO A 212 5.15 -18.75 -17.55
C PRO A 212 5.88 -19.33 -16.32
N LEU A 213 6.57 -18.45 -15.58
CA LEU A 213 7.07 -18.74 -14.24
C LEU A 213 6.58 -17.67 -13.26
N ARG A 214 5.76 -18.10 -12.31
CA ARG A 214 5.09 -17.20 -11.35
C ARG A 214 5.79 -17.23 -9.99
N LEU A 215 6.08 -16.03 -9.47
CA LEU A 215 6.67 -15.86 -8.15
C LEU A 215 5.81 -14.93 -7.27
N ALA A 216 5.46 -15.44 -6.09
CA ALA A 216 4.68 -14.69 -5.10
C ALA A 216 5.40 -14.67 -3.74
N VAL A 217 5.37 -13.49 -3.11
CA VAL A 217 6.04 -13.27 -1.81
C VAL A 217 5.05 -12.70 -0.79
N SER A 218 5.11 -13.23 0.43
CA SER A 218 4.30 -12.73 1.56
C SER A 218 5.11 -12.66 2.84
N LEU A 219 4.92 -11.57 3.58
CA LEU A 219 5.54 -11.37 4.89
C LEU A 219 4.55 -11.59 6.04
N SER A 220 5.07 -11.90 7.21
CA SER A 220 4.27 -12.06 8.44
C SER A 220 3.67 -10.72 8.90
N LYS A 221 4.50 -9.68 8.91
CA LYS A 221 4.13 -8.35 9.39
C LYS A 221 4.50 -7.25 8.39
N GLU A 222 3.90 -6.07 8.56
CA GLU A 222 4.30 -4.84 7.86
C GLU A 222 5.42 -4.10 8.60
N ILE A 223 5.40 -4.18 9.94
CA ILE A 223 6.41 -3.58 10.81
C ILE A 223 7.09 -4.67 11.65
N TYR A 224 8.43 -4.67 11.63
CA TYR A 224 9.25 -5.52 12.48
C TYR A 224 10.13 -4.71 13.43
N TYR A 225 10.46 -5.29 14.59
CA TYR A 225 11.36 -4.67 15.56
C TYR A 225 12.82 -5.06 15.35
N HIS A 226 13.73 -4.29 15.96
CA HIS A 226 15.18 -4.56 15.92
C HIS A 226 15.50 -5.79 16.72
N GLY A 227 15.95 -6.83 16.03
CA GLY A 227 16.20 -8.14 16.62
C GLY A 227 15.14 -9.19 16.31
N GLU A 228 13.92 -8.72 15.99
CA GLU A 228 12.78 -9.58 15.66
C GLU A 228 13.00 -10.31 14.32
N PRO A 229 12.78 -11.65 14.30
CA PRO A 229 12.94 -12.44 13.07
C PRO A 229 11.85 -12.16 12.03
N ILE A 230 12.23 -12.18 10.75
CA ILE A 230 11.30 -11.94 9.63
C ILE A 230 11.03 -13.26 8.88
N PRO A 231 9.79 -13.81 9.03
CA PRO A 231 9.38 -14.95 8.20
C PRO A 231 8.96 -14.51 6.79
N VAL A 232 9.77 -14.91 5.81
CA VAL A 232 9.50 -14.62 4.40
C VAL A 232 8.97 -15.90 3.74
N THR A 233 7.69 -15.90 3.40
CA THR A 233 7.04 -17.03 2.73
C THR A 233 7.07 -16.82 1.21
N VAL A 234 7.91 -17.62 0.56
CA VAL A 234 8.11 -17.58 -0.90
C VAL A 234 7.34 -18.72 -1.58
N ALA A 235 6.46 -18.34 -2.51
CA ALA A 235 5.67 -19.29 -3.30
C ALA A 235 6.01 -19.16 -4.78
N VAL A 236 6.38 -20.29 -5.38
CA VAL A 236 6.78 -20.35 -6.79
C VAL A 236 6.12 -21.53 -7.52
N THR A 237 5.44 -21.23 -8.63
CA THR A 237 4.82 -22.23 -9.49
C THR A 237 5.48 -22.23 -10.87
N ASN A 238 6.13 -23.35 -11.18
CA ASN A 238 6.86 -23.55 -12.44
C ASN A 238 5.97 -24.20 -13.49
N SER A 239 5.91 -23.58 -14.66
CA SER A 239 5.23 -24.13 -15.84
C SER A 239 6.17 -24.24 -17.05
N THR A 240 7.34 -23.60 -16.95
CA THR A 240 8.39 -23.63 -17.96
C THR A 240 9.09 -25.00 -18.05
N GLU A 241 9.84 -25.19 -19.14
CA GLU A 241 10.69 -26.38 -19.32
C GLU A 241 12.05 -26.25 -18.59
N LYS A 242 12.21 -25.16 -17.85
CA LYS A 242 13.45 -24.81 -17.14
C LYS A 242 13.37 -25.14 -15.64
N THR A 243 14.55 -25.37 -15.04
CA THR A 243 14.68 -25.72 -13.61
C THR A 243 15.14 -24.50 -12.81
N VAL A 244 14.46 -24.25 -11.69
CA VAL A 244 14.88 -23.23 -10.70
C VAL A 244 15.92 -23.87 -9.78
N LYS A 245 17.17 -23.41 -9.91
CA LYS A 245 18.32 -23.98 -9.23
C LYS A 245 18.36 -23.64 -7.73
N LYS A 246 18.35 -22.34 -7.41
CA LYS A 246 18.35 -21.86 -6.03
C LYS A 246 17.40 -20.68 -5.81
N ILE A 247 16.81 -20.64 -4.62
CA ILE A 247 15.97 -19.52 -4.19
C ILE A 247 16.62 -18.72 -3.04
N LYS A 248 16.88 -17.44 -3.31
CA LYS A 248 17.68 -16.57 -2.42
C LYS A 248 16.85 -15.36 -1.97
N VAL A 249 16.83 -15.14 -0.65
CA VAL A 249 16.10 -14.02 -0.03
C VAL A 249 17.09 -13.08 0.66
N LEU A 250 16.95 -11.78 0.38
CA LEU A 250 17.81 -10.74 0.93
C LEU A 250 17.01 -9.62 1.61
N VAL A 251 17.52 -9.15 2.76
CA VAL A 251 17.04 -7.94 3.41
C VAL A 251 17.91 -6.77 2.90
N GLU A 252 17.27 -5.85 2.19
CA GLU A 252 17.97 -4.75 1.53
C GLU A 252 17.69 -3.41 2.22
N GLN A 253 18.75 -2.75 2.67
CA GLN A 253 18.68 -1.41 3.24
C GLN A 253 18.89 -0.38 2.13
N VAL A 254 17.82 0.34 1.80
CA VAL A 254 17.85 1.40 0.79
C VAL A 254 18.12 2.72 1.50
N THR A 255 19.24 3.36 1.12
CA THR A 255 19.69 4.61 1.71
C THR A 255 19.55 5.75 0.69
N ASN A 256 18.72 6.73 1.04
CA ASN A 256 18.44 7.89 0.21
C ASN A 256 19.09 9.13 0.82
N VAL A 257 20.11 9.66 0.12
CA VAL A 257 20.83 10.87 0.55
C VAL A 257 20.39 12.05 -0.31
N VAL A 258 19.62 12.94 0.31
CA VAL A 258 19.03 14.11 -0.36
C VAL A 258 19.69 15.39 0.19
N LEU A 259 20.33 16.14 -0.70
CA LEU A 259 20.93 17.43 -0.37
C LEU A 259 20.70 18.42 -1.51
N TYR A 260 21.40 18.19 -2.62
CA TYR A 260 21.30 19.00 -3.84
C TYR A 260 20.58 18.22 -4.95
N SER A 261 20.63 16.89 -4.84
CA SER A 261 19.88 15.95 -5.69
C SER A 261 19.62 14.64 -4.93
N SER A 262 18.57 13.93 -5.34
CA SER A 262 18.18 12.65 -4.73
C SER A 262 19.09 11.51 -5.21
N ASP A 263 19.89 10.98 -4.30
CA ASP A 263 20.85 9.90 -4.57
C ASP A 263 20.49 8.63 -3.79
N TYR A 264 20.63 7.48 -4.44
CA TYR A 264 20.26 6.18 -3.87
C TYR A 264 21.43 5.19 -3.90
N TYR A 265 21.55 4.40 -2.82
CA TYR A 265 22.34 3.16 -2.83
C TYR A 265 21.73 2.06 -1.93
N ILE A 266 21.82 0.82 -2.41
CA ILE A 266 21.19 -0.34 -1.76
C ILE A 266 22.27 -1.28 -1.23
N LYS A 267 22.14 -1.67 0.05
CA LYS A 267 23.06 -2.61 0.70
C LYS A 267 22.32 -3.76 1.39
N THR A 268 22.79 -4.98 1.13
CA THR A 268 22.25 -6.21 1.72
C THR A 268 22.71 -6.32 3.18
N VAL A 269 21.75 -6.57 4.07
CA VAL A 269 21.99 -6.64 5.52
C VAL A 269 21.95 -8.11 6.00
N ALA A 270 20.87 -8.82 5.65
CA ALA A 270 20.72 -10.23 5.97
C ALA A 270 20.40 -11.05 4.71
N ALA A 271 21.00 -12.24 4.63
CA ALA A 271 20.86 -13.13 3.48
C ALA A 271 20.67 -14.59 3.89
N GLU A 272 19.65 -15.22 3.32
CA GLU A 272 19.38 -16.65 3.49
C GLU A 272 18.98 -17.30 2.17
N GLU A 273 19.43 -18.56 1.99
CA GLU A 273 19.09 -19.37 0.81
C GLU A 273 18.61 -20.77 1.19
N ALA A 274 17.58 -21.24 0.49
CA ALA A 274 17.00 -22.56 0.73
C ALA A 274 17.67 -23.66 -0.09
N GLN A 275 17.79 -24.84 0.51
CA GLN A 275 18.45 -26.00 -0.09
C GLN A 275 17.65 -26.64 -1.24
N GLU A 276 16.33 -26.47 -1.20
CA GLU A 276 15.40 -27.07 -2.17
C GLU A 276 15.45 -26.38 -3.54
N LYS A 277 15.31 -27.20 -4.59
CA LYS A 277 15.21 -26.74 -5.98
C LYS A 277 13.85 -27.06 -6.59
N VAL A 278 13.41 -26.23 -7.53
CA VAL A 278 12.10 -26.37 -8.18
C VAL A 278 12.27 -26.89 -9.62
N PRO A 279 11.82 -28.15 -9.89
CA PRO A 279 11.84 -28.74 -11.24
C PRO A 279 10.85 -28.09 -12.23
N PRO A 280 10.96 -28.40 -13.55
CA PRO A 280 9.89 -28.07 -14.50
C PRO A 280 8.56 -28.76 -14.17
N ASN A 281 7.46 -28.04 -14.41
CA ASN A 281 6.08 -28.46 -14.06
C ASN A 281 5.89 -28.87 -12.58
N SER A 282 6.37 -27.99 -11.68
CA SER A 282 6.35 -28.23 -10.24
C SER A 282 5.98 -26.96 -9.45
N SER A 283 5.61 -27.15 -8.18
CA SER A 283 5.29 -26.05 -7.26
C SER A 283 5.93 -26.27 -5.89
N LEU A 284 6.47 -25.19 -5.32
CA LEU A 284 7.05 -25.21 -3.97
C LEU A 284 6.73 -23.93 -3.19
N THR A 285 6.27 -24.12 -1.96
CA THR A 285 6.07 -23.04 -0.99
C THR A 285 7.02 -23.29 0.19
N LYS A 286 7.93 -22.34 0.40
CA LYS A 286 8.92 -22.39 1.47
C LYS A 286 8.87 -21.10 2.29
N THR A 287 9.12 -21.23 3.60
CA THR A 287 9.21 -20.07 4.50
C THR A 287 10.55 -19.96 5.21
N LEU A 288 11.34 -18.96 4.79
CA LEU A 288 12.69 -18.71 5.31
C LEU A 288 12.70 -17.55 6.30
N THR A 289 13.55 -17.68 7.33
CA THR A 289 13.63 -16.72 8.44
C THR A 289 14.96 -15.97 8.40
N LEU A 290 14.88 -14.63 8.42
CA LEU A 290 16.04 -13.74 8.37
C LEU A 290 16.02 -12.75 9.53
N VAL A 291 17.18 -12.58 10.16
CA VAL A 291 17.35 -11.63 11.28
C VAL A 291 18.41 -10.57 10.89
N PRO A 292 17.95 -9.37 10.43
CA PRO A 292 18.87 -8.25 10.15
C PRO A 292 19.44 -7.61 11.42
N LEU A 293 20.75 -7.72 11.58
CA LEU A 293 21.47 -7.18 12.75
C LEU A 293 22.76 -6.48 12.35
N LEU A 294 23.10 -5.41 13.08
CA LEU A 294 24.36 -4.69 12.93
C LEU A 294 25.58 -5.52 13.35
N ALA A 295 25.40 -6.42 14.32
CA ALA A 295 26.44 -7.36 14.77
C ALA A 295 27.00 -8.25 13.65
N ASN A 296 26.15 -8.57 12.68
CA ASN A 296 26.55 -9.27 11.45
C ASN A 296 26.97 -8.35 10.30
N ASN A 297 26.85 -7.04 10.51
CA ASN A 297 27.10 -6.03 9.46
C ASN A 297 28.10 -4.91 9.84
N ARG A 298 28.83 -5.13 10.93
CA ARG A 298 29.95 -4.26 11.34
C ARG A 298 31.12 -4.35 10.36
N GLU A 299 31.99 -3.33 10.39
CA GLU A 299 33.16 -3.18 9.50
C GLU A 299 32.78 -3.05 8.01
N ARG A 300 31.63 -2.41 7.76
CA ARG A 300 31.09 -2.23 6.41
C ARG A 300 30.70 -0.78 6.17
N ARG A 301 31.22 -0.24 5.06
CA ARG A 301 31.09 1.19 4.71
C ARG A 301 29.72 1.50 4.11
N GLY A 302 29.10 2.57 4.61
CA GLY A 302 27.85 3.10 4.07
C GLY A 302 26.57 2.61 4.74
N ILE A 303 26.71 1.69 5.70
CA ILE A 303 25.58 1.14 6.46
C ILE A 303 24.96 2.22 7.34
N ALA A 304 23.67 2.48 7.10
CA ALA A 304 22.91 3.49 7.83
C ALA A 304 22.59 3.04 9.26
N LEU A 305 22.88 3.92 10.21
CA LEU A 305 22.72 3.66 11.64
C LEU A 305 21.94 4.78 12.32
N ASP A 306 21.16 4.42 13.33
CA ASP A 306 20.49 5.39 14.20
C ASP A 306 21.54 6.20 14.99
N GLY A 307 21.38 7.52 14.95
CA GLY A 307 22.32 8.48 15.53
C GLY A 307 22.62 8.27 17.00
N LYS A 308 23.87 8.55 17.39
CA LYS A 308 24.35 8.34 18.75
C LYS A 308 24.25 9.61 19.59
N ILE A 309 24.19 9.45 20.90
CA ILE A 309 24.35 10.56 21.86
C ILE A 309 25.85 10.89 21.97
N LYS A 310 26.63 9.94 22.47
CA LYS A 310 28.09 10.06 22.61
C LYS A 310 28.76 8.68 22.65
N HIS A 311 29.16 8.22 21.46
CA HIS A 311 30.04 7.03 21.24
C HIS A 311 29.50 5.67 21.67
N GLU A 312 28.26 5.62 22.17
CA GLU A 312 27.63 4.36 22.62
C GLU A 312 27.28 3.40 21.46
N ASP A 313 27.00 2.15 21.80
CA ASP A 313 26.60 1.12 20.83
C ASP A 313 25.17 1.38 20.32
N THR A 314 25.03 1.32 18.99
CA THR A 314 23.76 1.59 18.30
C THR A 314 23.24 0.38 17.50
N ASN A 315 22.15 0.58 16.77
CA ASN A 315 21.60 -0.42 15.84
C ASN A 315 21.56 0.12 14.40
N LEU A 316 21.09 -0.73 13.47
CA LEU A 316 20.76 -0.32 12.09
C LEU A 316 19.65 0.74 12.12
N ALA A 317 19.75 1.73 11.24
CA ALA A 317 18.83 2.88 11.21
C ALA A 317 17.37 2.48 11.05
N SER A 318 16.50 3.12 11.84
CA SER A 318 15.06 2.92 11.77
C SER A 318 14.50 3.48 10.46
N SER A 319 13.45 2.82 9.94
CA SER A 319 12.75 3.25 8.73
C SER A 319 12.11 4.62 8.91
N THR A 320 12.45 5.54 8.02
CA THR A 320 11.95 6.92 8.06
C THR A 320 10.53 6.97 7.55
N ILE A 321 9.65 7.60 8.34
CA ILE A 321 8.27 7.90 7.93
C ILE A 321 8.13 9.40 7.70
N ILE A 322 7.70 9.74 6.48
CA ILE A 322 7.50 11.12 6.05
C ILE A 322 5.99 11.39 5.96
N LYS A 323 5.57 12.54 6.47
CA LYS A 323 4.19 13.04 6.37
C LYS A 323 3.73 13.17 4.92
N GLU A 324 2.52 12.69 4.66
CA GLU A 324 1.96 12.65 3.30
C GLU A 324 1.42 14.01 2.86
N GLY A 325 1.74 14.38 1.62
CA GLY A 325 1.25 15.61 0.99
C GLY A 325 1.83 16.90 1.52
N ILE A 326 3.11 16.87 1.91
CA ILE A 326 3.85 18.06 2.36
C ILE A 326 4.50 18.81 1.19
N ASP A 327 4.56 20.13 1.31
CA ASP A 327 5.00 21.02 0.22
C ASP A 327 6.49 20.95 -0.09
N LYS A 328 7.32 21.02 0.95
CA LYS A 328 8.79 21.04 0.81
C LYS A 328 9.41 19.64 0.78
N THR A 329 10.48 19.51 0.00
CA THR A 329 11.27 18.26 -0.10
C THR A 329 12.09 18.02 1.17
N VAL A 330 12.13 16.76 1.61
CA VAL A 330 12.86 16.35 2.82
C VAL A 330 14.31 16.03 2.46
N MET A 331 15.22 16.85 3.00
CA MET A 331 16.66 16.66 2.85
C MET A 331 17.22 15.79 3.97
N GLY A 332 18.44 15.30 3.80
CA GLY A 332 19.14 14.46 4.78
C GLY A 332 19.25 13.01 4.36
N ILE A 333 19.45 12.13 5.35
CA ILE A 333 19.55 10.68 5.12
C ILE A 333 18.21 10.02 5.45
N LEU A 334 17.60 9.43 4.42
CA LEU A 334 16.31 8.74 4.52
C LEU A 334 16.50 7.24 4.30
N VAL A 335 16.00 6.44 5.24
CA VAL A 335 16.24 4.99 5.26
C VAL A 335 14.92 4.23 5.08
N SER A 336 14.95 3.28 4.14
CA SER A 336 13.85 2.32 3.94
C SER A 336 14.39 0.90 3.78
N TYR A 337 13.55 -0.09 4.09
CA TYR A 337 13.90 -1.50 3.99
C TYR A 337 12.97 -2.27 3.05
N GLN A 338 13.53 -3.27 2.36
CA GLN A 338 12.79 -4.12 1.43
C GLN A 338 13.31 -5.56 1.41
N ILE A 339 12.40 -6.49 1.12
CA ILE A 339 12.72 -7.90 0.92
C ILE A 339 12.85 -8.17 -0.57
N LYS A 340 14.05 -8.61 -0.97
CA LYS A 340 14.36 -8.99 -2.34
C LYS A 340 14.48 -10.51 -2.42
N VAL A 341 13.68 -11.12 -3.29
CA VAL A 341 13.81 -12.54 -3.61
C VAL A 341 14.16 -12.74 -5.09
N LYS A 342 15.27 -13.43 -5.33
CA LYS A 342 15.73 -13.74 -6.69
C LYS A 342 15.91 -15.24 -6.92
N LEU A 343 15.39 -15.71 -8.05
CA LEU A 343 15.45 -17.12 -8.44
C LEU A 343 16.46 -17.30 -9.56
N THR A 344 17.40 -18.23 -9.35
CA THR A 344 18.35 -18.63 -10.38
C THR A 344 17.70 -19.73 -11.22
N VAL A 345 17.49 -19.44 -12.50
CA VAL A 345 16.77 -20.33 -13.43
C VAL A 345 17.75 -20.83 -14.51
N SER A 346 18.08 -22.12 -14.42
CA SER A 346 18.98 -22.78 -15.38
C SER A 346 18.29 -23.05 -16.71
N GLY A 347 19.06 -22.94 -17.79
CA GLY A 347 18.54 -23.03 -19.17
C GLY A 347 18.21 -24.42 -19.67
N LEU A 348 18.24 -24.57 -21.00
CA LEU A 348 17.89 -25.81 -21.69
C LEU A 348 18.98 -26.86 -21.53
N LEU A 352 25.83 -21.82 -20.53
CA LEU A 352 26.93 -20.94 -20.15
C LEU A 352 26.69 -20.32 -18.77
N THR A 353 25.57 -19.61 -18.63
CA THR A 353 25.16 -18.94 -17.38
C THR A 353 23.63 -18.87 -17.27
N SER A 354 23.13 -18.96 -16.04
CA SER A 354 21.70 -19.07 -15.76
C SER A 354 21.01 -17.72 -15.61
N SER A 355 19.73 -17.68 -15.99
CA SER A 355 18.87 -16.50 -15.86
C SER A 355 18.49 -16.20 -14.42
N GLU A 356 18.30 -14.91 -14.11
CA GLU A 356 17.83 -14.47 -12.79
C GLU A 356 16.54 -13.67 -12.89
N VAL A 357 15.57 -14.02 -12.05
CA VAL A 357 14.27 -13.31 -11.97
C VAL A 357 13.94 -12.91 -10.52
N ALA A 358 13.52 -11.66 -10.35
CA ALA A 358 13.39 -11.03 -9.01
C ALA A 358 12.21 -10.07 -8.86
N THR A 359 11.64 -10.06 -7.65
CA THR A 359 10.63 -9.05 -7.24
C THR A 359 10.85 -8.56 -5.79
N GLU A 360 10.40 -7.33 -5.53
CA GLU A 360 10.67 -6.61 -4.28
C GLU A 360 9.40 -6.40 -3.47
N VAL A 361 9.53 -6.45 -2.14
CA VAL A 361 8.43 -6.13 -1.21
C VAL A 361 8.89 -5.34 0.04
N PRO A 362 8.38 -4.10 0.22
CA PRO A 362 8.79 -3.24 1.35
C PRO A 362 8.28 -3.70 2.71
N PHE A 363 9.03 -3.35 3.75
CA PHE A 363 8.61 -3.45 5.15
C PHE A 363 9.24 -2.32 5.99
N ARG A 364 8.83 -2.20 7.24
CA ARG A 364 9.37 -1.21 8.18
C ARG A 364 10.13 -1.87 9.33
N LEU A 365 11.35 -1.40 9.56
CA LEU A 365 12.16 -1.83 10.71
C LEU A 365 12.31 -0.66 11.67
N MET A 366 11.72 -0.80 12.87
CA MET A 366 11.65 0.28 13.87
C MET A 366 11.75 -0.20 15.31
N HIS A 367 12.11 0.71 16.21
CA HIS A 367 12.04 0.50 17.65
C HIS A 367 10.59 0.48 18.13
N PRO A 368 10.29 -0.35 19.17
CA PRO A 368 8.93 -0.36 19.74
C PRO A 368 8.53 0.92 20.48
N GLN A 369 7.23 1.13 20.62
CA GLN A 369 6.63 2.24 21.37
C GLN A 369 6.99 2.14 22.86
N PRO A 370 7.50 3.24 23.46
CA PRO A 370 7.87 3.26 24.90
C PRO A 370 6.66 3.13 25.84
N HIS B 20 -28.33 5.91 1.35
CA HIS B 20 -28.14 7.30 0.83
C HIS B 20 -29.46 8.02 0.70
N VAL B 21 -30.40 7.40 0.00
CA VAL B 21 -31.77 7.92 -0.17
C VAL B 21 -32.80 6.77 -0.15
N ILE B 22 -33.87 6.97 0.61
CA ILE B 22 -34.91 5.94 0.85
C ILE B 22 -35.79 5.77 -0.40
N PHE B 23 -35.88 4.53 -0.88
CA PHE B 23 -36.72 4.15 -2.02
C PHE B 23 -37.67 3.00 -1.70
N LYS B 24 -38.84 3.01 -2.36
CA LYS B 24 -39.90 2.02 -2.14
C LYS B 24 -40.34 1.28 -3.41
N LYS B 25 -40.94 0.10 -3.21
CA LYS B 25 -41.67 -0.62 -4.26
C LYS B 25 -42.89 -1.35 -3.68
N ILE B 26 -44.05 -1.07 -4.27
CA ILE B 26 -45.33 -1.66 -3.86
C ILE B 26 -45.68 -2.84 -4.78
N SER B 27 -46.13 -3.94 -4.17
CA SER B 27 -46.58 -5.14 -4.89
C SER B 27 -47.87 -4.90 -5.70
N ARG B 28 -48.13 -5.80 -6.65
CA ARG B 28 -49.26 -5.70 -7.60
C ARG B 28 -50.64 -5.60 -6.92
N ASP B 29 -50.85 -6.41 -5.88
CA ASP B 29 -52.08 -6.40 -5.08
C ASP B 29 -52.10 -5.33 -3.97
N LYS B 30 -50.99 -4.60 -3.84
CA LYS B 30 -50.76 -3.56 -2.82
C LYS B 30 -50.84 -4.07 -1.36
N SER B 31 -50.38 -5.31 -1.18
CA SER B 31 -50.36 -5.99 0.13
C SER B 31 -49.05 -5.75 0.87
N VAL B 32 -47.93 -5.91 0.17
CA VAL B 32 -46.58 -5.77 0.74
C VAL B 32 -45.87 -4.58 0.07
N THR B 33 -45.35 -3.68 0.90
CA THR B 33 -44.49 -2.58 0.45
C THR B 33 -43.10 -2.77 1.08
N ILE B 34 -42.07 -2.68 0.25
CA ILE B 34 -40.67 -2.81 0.69
C ILE B 34 -39.93 -1.45 0.71
N TYR B 35 -39.13 -1.24 1.75
CA TYR B 35 -38.31 -0.04 1.91
C TYR B 35 -36.84 -0.37 2.11
N LEU B 36 -35.99 0.33 1.36
CA LEU B 36 -34.53 0.24 1.50
C LEU B 36 -33.88 1.62 1.48
N GLY B 37 -32.75 1.74 2.17
CA GLY B 37 -31.98 2.99 2.26
C GLY B 37 -30.93 3.19 1.18
N LYS B 38 -30.42 2.09 0.62
CA LYS B 38 -29.36 2.10 -0.39
C LYS B 38 -29.43 0.92 -1.36
N ARG B 39 -29.01 1.16 -2.60
CA ARG B 39 -28.90 0.12 -3.64
C ARG B 39 -27.62 -0.70 -3.49
N ASP B 40 -26.50 -0.01 -3.24
CA ASP B 40 -25.18 -0.63 -3.12
C ASP B 40 -24.87 -1.06 -1.68
N TYR B 41 -24.30 -2.26 -1.55
CA TYR B 41 -23.87 -2.79 -0.25
C TYR B 41 -22.41 -3.22 -0.32
N ILE B 42 -21.56 -2.54 0.47
CA ILE B 42 -20.11 -2.62 0.34
C ILE B 42 -19.55 -3.88 1.02
N ASP B 43 -18.81 -4.67 0.22
CA ASP B 43 -18.06 -5.82 0.70
C ASP B 43 -16.62 -5.39 1.05
N HIS B 44 -16.38 -5.25 2.36
CA HIS B 44 -15.03 -5.17 2.91
C HIS B 44 -14.52 -6.59 3.06
N VAL B 45 -13.20 -6.74 3.15
CA VAL B 45 -12.56 -8.06 3.27
C VAL B 45 -13.04 -8.79 4.53
N GLU B 46 -13.06 -8.08 5.67
CA GLU B 46 -13.44 -8.62 6.98
C GLU B 46 -14.94 -8.95 7.07
N ARG B 47 -15.77 -8.01 6.61
CA ARG B 47 -17.23 -8.06 6.76
C ARG B 47 -17.96 -7.45 5.57
N VAL B 48 -19.17 -7.94 5.29
CA VAL B 48 -20.04 -7.37 4.26
C VAL B 48 -21.15 -6.55 4.94
N GLU B 49 -21.49 -5.40 4.33
CA GLU B 49 -22.58 -4.53 4.79
C GLU B 49 -23.94 -5.25 4.67
N PRO B 50 -24.65 -5.43 5.80
CA PRO B 50 -25.91 -6.19 5.79
C PRO B 50 -27.06 -5.43 5.13
N VAL B 51 -28.01 -6.16 4.56
CA VAL B 51 -29.23 -5.57 4.00
C VAL B 51 -30.20 -5.28 5.16
N ASP B 52 -30.28 -4.00 5.51
CA ASP B 52 -31.21 -3.52 6.52
C ASP B 52 -32.36 -2.75 5.87
N GLY B 53 -33.58 -3.14 6.22
CA GLY B 53 -34.80 -2.53 5.70
C GLY B 53 -36.05 -2.95 6.45
N VAL B 54 -37.18 -2.37 6.05
CA VAL B 54 -38.48 -2.64 6.65
C VAL B 54 -39.52 -3.02 5.59
N VAL B 55 -40.57 -3.73 6.02
CA VAL B 55 -41.75 -3.99 5.17
C VAL B 55 -43.03 -3.40 5.78
N LEU B 56 -43.78 -2.68 4.95
CA LEU B 56 -45.09 -2.16 5.32
C LEU B 56 -46.19 -3.03 4.71
N VAL B 57 -47.02 -3.60 5.59
CA VAL B 57 -48.12 -4.48 5.18
C VAL B 57 -49.49 -3.84 5.47
N ASP B 58 -50.47 -4.18 4.63
CA ASP B 58 -51.88 -3.88 4.91
C ASP B 58 -52.49 -5.06 5.69
N PRO B 59 -52.80 -4.85 7.00
CA PRO B 59 -53.17 -5.95 7.92
C PRO B 59 -54.41 -6.75 7.51
N GLU B 60 -55.36 -6.10 6.83
CA GLU B 60 -56.54 -6.75 6.25
C GLU B 60 -56.16 -7.69 5.10
N LEU B 61 -55.22 -7.25 4.26
CA LEU B 61 -54.74 -8.04 3.12
C LEU B 61 -53.81 -9.20 3.50
N VAL B 62 -53.07 -9.06 4.61
CA VAL B 62 -52.18 -10.12 5.11
C VAL B 62 -52.75 -10.95 6.28
N LYS B 63 -54.08 -10.90 6.46
CA LYS B 63 -54.77 -11.61 7.54
C LYS B 63 -54.74 -13.12 7.33
N GLY B 64 -54.06 -13.81 8.25
CA GLY B 64 -53.92 -15.27 8.22
C GLY B 64 -52.98 -15.82 7.17
N LYS B 65 -51.87 -15.10 6.93
CA LYS B 65 -50.81 -15.52 6.00
C LYS B 65 -49.42 -15.03 6.43
N ARG B 66 -48.40 -15.82 6.09
CA ARG B 66 -47.00 -15.55 6.48
C ARG B 66 -46.25 -14.77 5.40
N VAL B 67 -45.52 -13.74 5.83
CA VAL B 67 -44.69 -12.91 4.93
C VAL B 67 -43.21 -13.17 5.20
N TYR B 68 -42.46 -13.43 4.12
CA TYR B 68 -41.02 -13.67 4.14
C TYR B 68 -40.28 -12.63 3.31
N VAL B 69 -39.05 -12.31 3.73
CA VAL B 69 -38.12 -11.48 2.93
C VAL B 69 -36.87 -12.31 2.62
N SER B 70 -36.55 -12.42 1.33
CA SER B 70 -35.44 -13.25 0.84
C SER B 70 -34.32 -12.46 0.16
N LEU B 71 -33.10 -12.98 0.26
CA LEU B 71 -31.93 -12.47 -0.46
C LEU B 71 -31.34 -13.56 -1.36
N THR B 72 -31.17 -13.23 -2.63
CA THR B 72 -30.76 -14.19 -3.66
C THR B 72 -29.60 -13.66 -4.51
N CYS B 73 -28.58 -14.50 -4.69
CA CYS B 73 -27.48 -14.25 -5.62
C CYS B 73 -27.55 -15.25 -6.78
N ALA B 74 -27.67 -14.71 -8.01
CA ALA B 74 -27.92 -15.53 -9.20
C ALA B 74 -26.91 -15.30 -10.32
N PHE B 75 -26.46 -16.41 -10.91
CA PHE B 75 -25.73 -16.42 -12.18
C PHE B 75 -26.76 -16.57 -13.31
N ARG B 76 -26.92 -15.50 -14.10
CA ARG B 76 -27.95 -15.44 -15.14
C ARG B 76 -27.37 -15.49 -16.55
N TYR B 77 -28.05 -16.22 -17.43
CA TYR B 77 -27.80 -16.19 -18.87
C TYR B 77 -29.11 -15.95 -19.64
N GLY B 78 -29.19 -14.80 -20.29
CA GLY B 78 -30.31 -14.46 -21.18
C GLY B 78 -29.93 -14.65 -22.64
N GLN B 79 -30.91 -15.08 -23.44
CA GLN B 79 -30.77 -15.18 -24.90
C GLN B 79 -32.11 -14.88 -25.57
N GLU B 80 -32.15 -13.79 -26.33
CA GLU B 80 -33.37 -13.31 -26.99
C GLU B 80 -33.17 -13.12 -28.50
N ASP B 81 -33.37 -14.20 -29.24
CA ASP B 81 -33.30 -14.19 -30.70
C ASP B 81 -34.64 -13.80 -31.32
N ILE B 82 -34.59 -12.84 -32.24
CA ILE B 82 -35.77 -12.37 -32.99
C ILE B 82 -36.17 -13.46 -33.99
N ASP B 83 -37.47 -13.78 -34.00
CA ASP B 83 -38.11 -14.82 -34.86
C ASP B 83 -37.82 -16.29 -34.48
N VAL B 84 -36.78 -16.52 -33.67
CA VAL B 84 -36.31 -17.87 -33.33
C VAL B 84 -36.81 -18.32 -31.94
N MET B 85 -36.14 -17.87 -30.87
CA MET B 85 -36.38 -18.36 -29.49
C MET B 85 -36.04 -17.35 -28.38
N GLY B 86 -36.46 -17.68 -27.16
CA GLY B 86 -36.12 -16.94 -25.95
C GLY B 86 -35.75 -17.88 -24.82
N LEU B 87 -34.46 -18.22 -24.74
CA LEU B 87 -33.92 -19.12 -23.71
C LEU B 87 -33.28 -18.33 -22.58
N SER B 88 -33.69 -18.65 -21.35
CA SER B 88 -33.19 -18.00 -20.14
C SER B 88 -32.73 -19.01 -19.08
N PHE B 89 -31.47 -18.85 -18.67
CA PHE B 89 -30.79 -19.76 -17.74
C PHE B 89 -30.45 -19.04 -16.43
N ARG B 90 -30.61 -19.75 -15.32
CA ARG B 90 -30.40 -19.22 -13.96
C ARG B 90 -29.81 -20.27 -13.04
N ARG B 91 -28.79 -19.86 -12.26
CA ARG B 91 -28.18 -20.68 -11.22
C ARG B 91 -27.99 -19.85 -9.95
N ASP B 92 -28.70 -20.26 -8.88
CA ASP B 92 -28.60 -19.59 -7.58
C ASP B 92 -27.35 -20.02 -6.84
N LEU B 93 -26.46 -19.06 -6.62
CA LEU B 93 -25.23 -19.25 -5.85
C LEU B 93 -25.48 -19.10 -4.35
N TYR B 94 -26.51 -18.31 -4.01
CA TYR B 94 -26.92 -18.05 -2.64
C TYR B 94 -28.42 -17.76 -2.55
N PHE B 95 -29.06 -18.35 -1.54
CA PHE B 95 -30.45 -18.07 -1.19
C PHE B 95 -30.63 -18.14 0.33
N SER B 96 -31.19 -17.06 0.89
CA SER B 96 -31.48 -16.97 2.32
C SER B 96 -32.76 -16.18 2.56
N GLN B 97 -33.52 -16.60 3.57
CA GLN B 97 -34.78 -15.94 3.93
C GLN B 97 -35.02 -15.88 5.45
N VAL B 98 -35.68 -14.81 5.87
CA VAL B 98 -36.21 -14.66 7.23
C VAL B 98 -37.71 -14.32 7.23
N GLN B 99 -38.45 -14.91 8.18
CA GLN B 99 -39.85 -14.59 8.38
C GLN B 99 -40.01 -13.25 9.10
N VAL B 100 -41.01 -12.49 8.68
CA VAL B 100 -41.24 -11.12 9.15
C VAL B 100 -42.68 -10.91 9.66
N PHE B 101 -43.60 -11.76 9.20
CA PHE B 101 -45.02 -11.74 9.59
C PHE B 101 -45.57 -13.17 9.63
N PRO B 102 -46.44 -13.52 10.62
CA PRO B 102 -46.88 -12.75 11.81
C PRO B 102 -45.77 -12.60 12.87
N PRO B 103 -45.73 -11.43 13.57
CA PRO B 103 -44.68 -11.20 14.56
C PRO B 103 -44.81 -12.09 15.79
N VAL B 104 -43.70 -12.76 16.15
CA VAL B 104 -43.60 -13.53 17.39
C VAL B 104 -42.56 -12.83 18.27
N GLY B 105 -43.07 -12.13 19.29
CA GLY B 105 -42.26 -11.30 20.18
C GLY B 105 -41.73 -10.04 19.52
N ALA B 106 -40.73 -9.43 20.17
CA ALA B 106 -40.06 -8.22 19.67
C ALA B 106 -38.91 -8.58 18.73
N SER B 107 -38.58 -7.65 17.84
CA SER B 107 -37.41 -7.76 16.94
C SER B 107 -36.10 -7.52 17.69
N GLY B 108 -34.99 -7.94 17.08
CA GLY B 108 -33.65 -7.81 17.66
C GLY B 108 -33.06 -6.42 17.60
N ALA B 109 -31.76 -6.34 17.33
CA ALA B 109 -31.06 -5.07 17.10
C ALA B 109 -31.46 -4.48 15.76
N THR B 110 -31.85 -3.21 15.78
CA THR B 110 -32.25 -2.48 14.58
C THR B 110 -31.33 -1.29 14.31
N THR B 111 -31.10 -1.03 13.03
CA THR B 111 -30.31 0.13 12.56
C THR B 111 -31.10 1.44 12.74
N ARG B 112 -30.38 2.56 12.67
CA ARG B 112 -30.98 3.91 12.70
C ARG B 112 -31.98 4.16 11.55
N LEU B 113 -31.69 3.58 10.39
CA LEU B 113 -32.58 3.60 9.23
C LEU B 113 -33.91 2.87 9.49
N GLN B 114 -33.82 1.67 10.07
CA GLN B 114 -34.99 0.85 10.42
C GLN B 114 -35.87 1.51 11.49
N GLU B 115 -35.21 2.07 12.51
CA GLU B 115 -35.88 2.75 13.62
C GLU B 115 -36.64 4.01 13.19
N SER B 116 -36.06 4.77 12.27
CA SER B 116 -36.68 5.98 11.70
C SER B 116 -37.89 5.66 10.82
N LEU B 117 -37.80 4.59 10.04
CA LEU B 117 -38.85 4.18 9.10
C LEU B 117 -40.08 3.58 9.78
N ILE B 118 -39.87 2.79 10.85
CA ILE B 118 -40.96 2.27 11.71
C ILE B 118 -41.67 3.44 12.42
N LYS B 119 -40.89 4.40 12.89
CA LYS B 119 -41.38 5.63 13.55
C LYS B 119 -42.24 6.51 12.62
N LYS B 120 -41.85 6.57 11.34
CA LYS B 120 -42.52 7.38 10.33
C LYS B 120 -43.80 6.74 9.77
N LEU B 121 -43.71 5.46 9.40
CA LEU B 121 -44.79 4.76 8.68
C LEU B 121 -45.97 4.33 9.57
N GLY B 122 -45.67 3.66 10.68
CA GLY B 122 -46.68 3.27 11.67
C GLY B 122 -46.47 1.93 12.36
N ALA B 123 -47.58 1.36 12.81
CA ALA B 123 -47.58 0.10 13.60
C ALA B 123 -47.44 -1.17 12.76
N ASN B 124 -47.86 -1.10 11.50
CA ASN B 124 -47.81 -2.23 10.56
C ASN B 124 -46.46 -2.44 9.87
N THR B 125 -45.44 -1.69 10.33
CA THR B 125 -44.08 -1.76 9.79
C THR B 125 -43.25 -2.76 10.60
N TYR B 126 -42.57 -3.66 9.88
CA TYR B 126 -41.76 -4.73 10.49
C TYR B 126 -40.37 -4.83 9.85
N PRO B 127 -39.30 -4.88 10.68
CA PRO B 127 -37.93 -4.87 10.15
C PRO B 127 -37.40 -6.24 9.74
N PHE B 128 -36.48 -6.24 8.76
CA PHE B 128 -35.73 -7.43 8.36
C PHE B 128 -34.24 -7.13 8.23
N LEU B 129 -33.42 -8.12 8.57
CA LEU B 129 -31.97 -8.06 8.36
C LEU B 129 -31.47 -9.34 7.69
N LEU B 130 -30.99 -9.18 6.47
CA LEU B 130 -30.37 -10.26 5.70
C LEU B 130 -28.88 -9.99 5.54
N THR B 131 -28.08 -10.99 5.92
CA THR B 131 -26.61 -10.88 5.94
C THR B 131 -25.96 -11.68 4.82
N PHE B 132 -24.75 -11.26 4.44
CA PHE B 132 -23.93 -11.96 3.46
C PHE B 132 -22.85 -12.79 4.14
N PRO B 133 -22.57 -14.02 3.64
CA PRO B 133 -21.40 -14.77 4.09
C PRO B 133 -20.09 -14.36 3.38
N ASP B 134 -19.00 -15.05 3.68
CA ASP B 134 -17.67 -14.74 3.16
C ASP B 134 -17.36 -15.23 1.73
N TYR B 135 -18.13 -16.22 1.26
CA TYR B 135 -17.83 -16.94 0.00
C TYR B 135 -18.53 -16.41 -1.27
N LEU B 136 -19.02 -15.17 -1.22
CA LEU B 136 -19.83 -14.60 -2.31
C LEU B 136 -19.07 -13.66 -3.25
N PRO B 137 -19.41 -13.69 -4.57
CA PRO B 137 -18.83 -12.74 -5.54
C PRO B 137 -19.47 -11.33 -5.46
N CYS B 138 -19.15 -10.49 -6.43
CA CYS B 138 -19.74 -9.16 -6.57
C CYS B 138 -20.55 -9.03 -7.87
N SER B 139 -21.30 -7.94 -7.99
CA SER B 139 -22.13 -7.65 -9.17
C SER B 139 -21.26 -7.35 -10.40
N VAL B 140 -21.06 -8.38 -11.22
CA VAL B 140 -20.24 -8.31 -12.44
C VAL B 140 -21.10 -8.80 -13.61
N MET B 141 -21.10 -8.02 -14.70
CA MET B 141 -21.74 -8.41 -15.97
C MET B 141 -20.72 -8.57 -17.11
N LEU B 142 -21.08 -9.37 -18.11
CA LEU B 142 -20.24 -9.58 -19.31
C LEU B 142 -20.81 -8.87 -20.53
N GLN B 143 -19.93 -8.20 -21.27
CA GLN B 143 -20.30 -7.42 -22.45
C GLN B 143 -20.58 -8.30 -23.68
N PRO B 144 -21.71 -8.06 -24.38
CA PRO B 144 -21.96 -8.72 -25.67
C PRO B 144 -21.45 -7.94 -26.89
N ALA B 145 -21.13 -8.69 -27.95
CA ALA B 145 -20.79 -8.14 -29.26
C ALA B 145 -22.04 -7.64 -30.01
N PRO B 146 -21.88 -6.80 -31.07
CA PRO B 146 -23.01 -6.50 -31.99
C PRO B 146 -23.55 -7.71 -32.75
N GLN B 147 -22.77 -8.79 -32.82
CA GLN B 147 -23.23 -10.12 -33.27
C GLN B 147 -24.33 -10.70 -32.37
N ASP B 148 -24.26 -10.36 -31.08
CA ASP B 148 -25.19 -10.86 -30.05
C ASP B 148 -26.23 -9.79 -29.71
N VAL B 149 -27.46 -10.01 -30.19
CA VAL B 149 -28.56 -9.05 -30.02
C VAL B 149 -29.23 -9.21 -28.65
N GLY B 150 -29.62 -10.44 -28.32
CA GLY B 150 -30.35 -10.74 -27.09
C GLY B 150 -29.59 -11.46 -25.99
N LYS B 151 -28.28 -11.68 -26.20
CA LYS B 151 -27.44 -12.40 -25.25
C LYS B 151 -27.05 -11.53 -24.05
N SER B 152 -27.19 -12.11 -22.86
CA SER B 152 -26.83 -11.47 -21.59
C SER B 152 -26.19 -12.48 -20.66
N CYS B 153 -25.20 -12.01 -19.89
CA CYS B 153 -24.52 -12.81 -18.87
C CYS B 153 -24.01 -11.95 -17.73
N GLY B 154 -24.23 -12.42 -16.50
CA GLY B 154 -23.78 -11.71 -15.30
C GLY B 154 -24.27 -12.26 -13.97
N VAL B 155 -23.66 -11.76 -12.90
CA VAL B 155 -24.05 -12.08 -11.51
C VAL B 155 -24.75 -10.86 -10.91
N ASP B 156 -25.94 -11.08 -10.36
CA ASP B 156 -26.77 -10.02 -9.77
C ASP B 156 -27.42 -10.44 -8.44
N PHE B 157 -27.79 -9.45 -7.63
CA PHE B 157 -28.36 -9.66 -6.31
C PHE B 157 -29.79 -9.13 -6.23
N GLU B 158 -30.66 -9.90 -5.57
CA GLU B 158 -32.09 -9.64 -5.53
C GLU B 158 -32.64 -9.76 -4.10
N ILE B 159 -33.49 -8.79 -3.74
CA ILE B 159 -34.32 -8.87 -2.52
C ILE B 159 -35.78 -9.04 -2.94
N LYS B 160 -36.41 -10.10 -2.44
CA LYS B 160 -37.81 -10.42 -2.72
C LYS B 160 -38.59 -10.54 -1.41
N ALA B 161 -39.65 -9.75 -1.29
CA ALA B 161 -40.62 -9.88 -0.20
C ALA B 161 -41.91 -10.51 -0.73
N PHE B 162 -42.30 -11.64 -0.13
CA PHE B 162 -43.48 -12.40 -0.56
C PHE B 162 -44.36 -12.91 0.58
N ALA B 163 -45.67 -12.90 0.34
CA ALA B 163 -46.65 -13.48 1.25
C ALA B 163 -47.05 -14.89 0.82
N THR B 164 -47.42 -15.72 1.80
CA THR B 164 -47.81 -17.12 1.56
C THR B 164 -49.19 -17.41 2.19
N HIS B 165 -50.23 -17.32 1.36
CA HIS B 165 -51.58 -17.76 1.72
C HIS B 165 -51.63 -19.26 1.59
N SER B 166 -51.48 -19.93 2.74
CA SER B 166 -51.24 -21.37 2.81
C SER B 166 -52.51 -22.23 2.99
N THR B 167 -53.64 -21.72 2.48
CA THR B 167 -54.91 -22.45 2.46
C THR B 167 -54.97 -23.33 1.21
N ASP B 168 -54.29 -24.48 1.29
CA ASP B 168 -54.17 -25.43 0.19
C ASP B 168 -54.25 -26.88 0.69
N ILE B 174 -47.10 -19.94 -3.56
CA ILE B 174 -46.69 -18.54 -3.51
C ILE B 174 -47.42 -17.74 -4.62
N PRO B 175 -48.27 -16.76 -4.23
CA PRO B 175 -48.88 -15.86 -5.22
C PRO B 175 -47.89 -14.85 -5.79
N LYS B 176 -47.99 -14.63 -7.10
CA LYS B 176 -47.15 -13.68 -7.83
C LYS B 176 -47.51 -12.22 -7.54
N LYS B 177 -48.80 -11.98 -7.30
CA LYS B 177 -49.33 -10.63 -6.98
C LYS B 177 -48.82 -10.06 -5.65
N SER B 178 -48.69 -10.93 -4.64
CA SER B 178 -48.21 -10.55 -3.31
C SER B 178 -46.69 -10.34 -3.24
N SER B 179 -45.96 -10.98 -4.16
CA SER B 179 -44.50 -10.89 -4.24
C SER B 179 -44.03 -9.60 -4.91
N VAL B 180 -43.02 -8.97 -4.30
CA VAL B 180 -42.36 -7.78 -4.83
C VAL B 180 -40.83 -7.91 -4.75
N ARG B 181 -40.17 -7.73 -5.89
CA ARG B 181 -38.72 -7.91 -6.01
C ARG B 181 -37.98 -6.61 -6.35
N LEU B 182 -36.73 -6.52 -5.89
CA LEU B 182 -35.90 -5.32 -6.05
C LEU B 182 -34.41 -5.67 -6.15
N LEU B 183 -33.76 -5.15 -7.19
CA LEU B 183 -32.35 -5.43 -7.50
C LEU B 183 -31.41 -4.60 -6.63
N ILE B 184 -30.37 -5.26 -6.11
CA ILE B 184 -29.28 -4.61 -5.37
C ILE B 184 -27.90 -5.03 -5.87
N ARG B 185 -26.86 -4.34 -5.39
CA ARG B 185 -25.48 -4.61 -5.78
C ARG B 185 -24.56 -4.85 -4.59
N LYS B 186 -23.73 -5.87 -4.71
CA LYS B 186 -22.58 -6.07 -3.81
C LYS B 186 -21.36 -5.46 -4.51
N VAL B 187 -20.85 -4.38 -3.91
CA VAL B 187 -19.80 -3.55 -4.49
C VAL B 187 -18.56 -3.61 -3.59
N GLN B 188 -17.38 -3.49 -4.19
CA GLN B 188 -16.13 -3.31 -3.46
C GLN B 188 -15.47 -1.99 -3.84
N HIS B 189 -14.92 -1.31 -2.83
CA HIS B 189 -14.17 -0.07 -3.02
C HIS B 189 -12.70 -0.27 -2.72
N ALA B 190 -11.89 0.70 -3.16
CA ALA B 190 -10.44 0.75 -2.86
C ALA B 190 -10.18 0.83 -1.35
N PRO B 191 -9.24 0.00 -0.83
CA PRO B 191 -8.91 -0.02 0.62
C PRO B 191 -8.32 1.29 1.13
N ARG B 192 -8.40 1.49 2.45
CA ARG B 192 -7.86 2.67 3.14
C ARG B 192 -6.36 2.83 2.91
N ASP B 193 -5.63 1.72 3.05
CA ASP B 193 -4.18 1.69 2.88
C ASP B 193 -3.80 0.93 1.61
N MET B 194 -2.94 1.56 0.81
CA MET B 194 -2.47 1.01 -0.46
C MET B 194 -1.45 -0.12 -0.25
N GLY B 195 -1.42 -1.06 -1.20
CA GLY B 195 -0.44 -2.15 -1.22
C GLY B 195 0.97 -1.72 -1.59
N PRO B 196 1.93 -2.68 -1.67
CA PRO B 196 3.33 -2.39 -2.04
C PRO B 196 3.45 -1.88 -3.48
N GLN B 197 4.49 -1.09 -3.74
CA GLN B 197 4.81 -0.61 -5.09
C GLN B 197 5.15 -1.79 -6.01
N PRO B 198 4.27 -2.09 -6.99
CA PRO B 198 4.39 -3.33 -7.76
C PRO B 198 5.49 -3.25 -8.83
N ARG B 199 6.58 -3.98 -8.58
CA ARG B 199 7.78 -3.95 -9.42
C ARG B 199 8.53 -5.27 -9.51
N ALA B 200 9.07 -5.55 -10.69
CA ALA B 200 9.82 -6.78 -10.98
C ALA B 200 11.01 -6.53 -11.89
N GLU B 201 12.12 -7.21 -11.59
CA GLU B 201 13.31 -7.21 -12.45
C GLU B 201 13.71 -8.60 -12.92
N ALA B 202 14.07 -8.70 -14.20
CA ALA B 202 14.48 -9.96 -14.83
C ALA B 202 15.77 -9.79 -15.63
N SER B 203 16.58 -10.85 -15.62
CA SER B 203 17.82 -10.93 -16.38
C SER B 203 17.82 -12.23 -17.19
N TRP B 204 17.66 -12.10 -18.51
CA TRP B 204 17.51 -13.25 -19.41
C TRP B 204 18.78 -13.64 -20.12
N GLN B 205 18.91 -14.94 -20.38
CA GLN B 205 20.06 -15.51 -21.08
C GLN B 205 19.65 -16.24 -22.36
N PHE B 206 20.54 -16.22 -23.36
CA PHE B 206 20.25 -16.71 -24.70
C PHE B 206 21.02 -17.99 -25.07
N PHE B 207 21.11 -18.29 -26.37
CA PHE B 207 21.60 -19.58 -26.89
C PHE B 207 23.02 -19.98 -26.49
N MET B 208 23.97 -19.04 -26.62
CA MET B 208 25.38 -19.28 -26.31
C MET B 208 26.07 -18.06 -25.68
N SER B 209 25.36 -16.92 -25.67
CA SER B 209 25.91 -15.63 -25.24
C SER B 209 26.15 -15.53 -23.74
N ASP B 210 27.31 -15.00 -23.38
CA ASP B 210 27.70 -14.73 -21.99
C ASP B 210 26.90 -13.57 -21.38
N LYS B 211 26.70 -12.53 -22.17
CA LYS B 211 26.01 -11.29 -21.74
C LYS B 211 24.50 -11.49 -21.59
N PRO B 212 23.87 -10.82 -20.59
CA PRO B 212 22.42 -10.91 -20.42
C PRO B 212 21.62 -9.71 -20.97
N LEU B 213 20.31 -9.94 -21.16
CA LEU B 213 19.33 -8.87 -21.38
C LEU B 213 18.54 -8.65 -20.09
N ARG B 214 18.66 -7.44 -19.54
CA ARG B 214 18.01 -7.08 -18.28
C ARG B 214 16.80 -6.17 -18.53
N LEU B 215 15.68 -6.53 -17.88
CA LEU B 215 14.46 -5.73 -17.89
C LEU B 215 13.97 -5.45 -16.46
N ALA B 216 13.61 -4.20 -16.21
CA ALA B 216 13.00 -3.77 -14.95
C ALA B 216 11.68 -3.04 -15.20
N VAL B 217 10.62 -3.52 -14.55
CA VAL B 217 9.27 -2.96 -14.68
C VAL B 217 8.86 -2.35 -13.36
N SER B 218 8.23 -1.17 -13.43
CA SER B 218 7.73 -0.47 -12.25
C SER B 218 6.46 0.33 -12.54
N LEU B 219 5.49 0.23 -11.63
CA LEU B 219 4.30 1.07 -11.64
C LEU B 219 4.39 2.12 -10.53
N SER B 220 3.69 3.25 -10.72
CA SER B 220 3.72 4.37 -9.76
C SER B 220 3.10 4.03 -8.40
N LYS B 221 2.03 3.24 -8.43
CA LYS B 221 1.33 2.76 -7.22
C LYS B 221 0.64 1.40 -7.43
N GLU B 222 0.06 0.85 -6.37
CA GLU B 222 -0.61 -0.47 -6.40
C GLU B 222 -2.05 -0.40 -6.91
N ILE B 223 -2.78 0.63 -6.49
CA ILE B 223 -4.21 0.80 -6.84
C ILE B 223 -4.39 2.02 -7.74
N TYR B 224 -5.13 1.82 -8.83
CA TYR B 224 -5.55 2.90 -9.74
C TYR B 224 -7.07 2.98 -9.84
N TYR B 225 -7.57 4.17 -10.16
CA TYR B 225 -9.01 4.41 -10.33
C TYR B 225 -9.43 4.30 -11.80
N HIS B 226 -10.74 4.19 -12.03
CA HIS B 226 -11.31 4.09 -13.38
C HIS B 226 -11.22 5.40 -14.10
N GLY B 227 -10.46 5.41 -15.19
CA GLY B 227 -10.16 6.63 -15.95
C GLY B 227 -8.78 7.22 -15.69
N GLU B 228 -8.18 6.85 -14.55
CA GLU B 228 -6.84 7.29 -14.15
C GLU B 228 -5.75 6.62 -15.01
N PRO B 229 -4.76 7.41 -15.50
CA PRO B 229 -3.64 6.84 -16.27
C PRO B 229 -2.67 6.04 -15.38
N ILE B 230 -2.09 4.99 -15.97
CA ILE B 230 -1.12 4.12 -15.28
C ILE B 230 0.28 4.38 -15.87
N PRO B 231 1.13 5.15 -15.14
CA PRO B 231 2.51 5.35 -15.59
C PRO B 231 3.37 4.10 -15.35
N VAL B 232 3.61 3.37 -16.44
CA VAL B 232 4.45 2.17 -16.42
C VAL B 232 5.86 2.57 -16.83
N THR B 233 6.74 2.70 -15.85
CA THR B 233 8.16 2.99 -16.08
C THR B 233 8.88 1.68 -16.36
N VAL B 234 9.40 1.56 -17.58
CA VAL B 234 10.14 0.37 -18.02
C VAL B 234 11.61 0.70 -18.28
N ALA B 235 12.49 -0.14 -17.74
CA ALA B 235 13.94 0.06 -17.81
C ALA B 235 14.66 -1.17 -18.35
N VAL B 236 14.90 -1.16 -19.66
CA VAL B 236 15.65 -2.23 -20.34
C VAL B 236 17.11 -1.82 -20.57
N THR B 237 18.02 -2.64 -20.04
CA THR B 237 19.46 -2.46 -20.25
C THR B 237 20.02 -3.62 -21.10
N ASN B 238 19.97 -3.42 -22.42
CA ASN B 238 20.48 -4.38 -23.39
C ASN B 238 22.00 -4.25 -23.53
N SER B 239 22.71 -5.33 -23.19
CA SER B 239 24.17 -5.41 -23.26
C SER B 239 24.67 -6.40 -24.32
N THR B 240 23.73 -7.09 -24.97
CA THR B 240 24.01 -8.07 -26.02
C THR B 240 24.08 -7.42 -27.42
N GLU B 241 24.57 -8.19 -28.39
CA GLU B 241 24.51 -7.84 -29.81
C GLU B 241 23.09 -7.96 -30.42
N LYS B 242 22.18 -8.58 -29.66
CA LYS B 242 20.77 -8.73 -30.01
C LYS B 242 20.06 -7.37 -30.05
N THR B 243 19.25 -7.16 -31.08
CA THR B 243 18.46 -5.93 -31.24
C THR B 243 17.03 -6.16 -30.74
N VAL B 244 16.58 -5.28 -29.85
CA VAL B 244 15.19 -5.24 -29.39
C VAL B 244 14.39 -4.40 -30.37
N LYS B 245 13.50 -5.07 -31.12
CA LYS B 245 12.77 -4.48 -32.25
C LYS B 245 11.69 -3.49 -31.81
N LYS B 246 10.84 -3.91 -30.87
CA LYS B 246 9.81 -3.05 -30.26
C LYS B 246 9.51 -3.46 -28.83
N ILE B 247 9.19 -2.46 -27.99
CA ILE B 247 8.70 -2.70 -26.63
C ILE B 247 7.21 -2.34 -26.48
N LYS B 248 6.43 -3.31 -26.02
CA LYS B 248 4.98 -3.19 -25.95
C LYS B 248 4.50 -3.37 -24.51
N VAL B 249 3.72 -2.39 -24.03
CA VAL B 249 3.02 -2.48 -22.74
C VAL B 249 1.51 -2.62 -22.95
N LEU B 250 0.91 -3.56 -22.22
CA LEU B 250 -0.52 -3.88 -22.35
C LEU B 250 -1.21 -4.16 -21.00
N VAL B 251 -2.40 -3.59 -20.85
CA VAL B 251 -3.27 -3.84 -19.69
C VAL B 251 -4.11 -5.08 -19.98
N GLU B 252 -3.92 -6.11 -19.15
CA GLU B 252 -4.61 -7.39 -19.31
C GLU B 252 -5.68 -7.58 -18.23
N GLN B 253 -6.90 -7.84 -18.69
CA GLN B 253 -8.02 -8.21 -17.81
C GLN B 253 -8.12 -9.74 -17.72
N VAL B 254 -7.84 -10.25 -16.52
CA VAL B 254 -7.95 -11.69 -16.23
C VAL B 254 -9.36 -11.94 -15.67
N THR B 255 -10.19 -12.62 -16.46
CA THR B 255 -11.57 -12.91 -16.11
C THR B 255 -11.70 -14.40 -15.76
N ASN B 256 -12.16 -14.66 -14.54
CA ASN B 256 -12.32 -16.02 -14.02
C ASN B 256 -13.80 -16.36 -13.80
N VAL B 257 -14.25 -17.41 -14.51
CA VAL B 257 -15.63 -17.88 -14.42
C VAL B 257 -15.64 -19.23 -13.68
N VAL B 258 -16.28 -19.24 -12.51
CA VAL B 258 -16.34 -20.41 -11.62
C VAL B 258 -17.82 -20.82 -11.44
N LEU B 259 -18.14 -22.06 -11.83
CA LEU B 259 -19.47 -22.63 -11.65
C LEU B 259 -19.42 -24.15 -11.45
N TYR B 260 -19.04 -24.88 -12.50
CA TYR B 260 -18.79 -26.33 -12.42
C TYR B 260 -17.28 -26.62 -12.51
N SER B 261 -16.60 -25.85 -13.34
CA SER B 261 -15.14 -25.84 -13.45
C SER B 261 -14.62 -24.40 -13.52
N SER B 262 -13.44 -24.17 -12.96
CA SER B 262 -12.78 -22.86 -13.00
C SER B 262 -12.18 -22.59 -14.38
N ASP B 263 -12.65 -21.53 -15.02
CA ASP B 263 -12.22 -21.13 -16.37
C ASP B 263 -11.62 -19.73 -16.39
N TYR B 264 -10.33 -19.68 -16.69
CA TYR B 264 -9.59 -18.41 -16.85
C TYR B 264 -9.49 -18.04 -18.33
N TYR B 265 -9.79 -16.77 -18.64
CA TYR B 265 -9.45 -16.18 -19.95
C TYR B 265 -9.01 -14.73 -19.84
N ILE B 266 -8.03 -14.37 -20.67
CA ILE B 266 -7.37 -13.06 -20.63
C ILE B 266 -7.72 -12.24 -21.87
N LYS B 267 -8.03 -10.96 -21.65
CA LYS B 267 -8.28 -9.98 -22.73
C LYS B 267 -7.45 -8.71 -22.52
N THR B 268 -6.93 -8.16 -23.63
CA THR B 268 -6.21 -6.88 -23.63
C THR B 268 -7.22 -5.72 -23.62
N VAL B 269 -7.01 -4.78 -22.71
CA VAL B 269 -7.90 -3.62 -22.55
C VAL B 269 -7.28 -2.37 -23.19
N ALA B 270 -6.10 -1.97 -22.70
CA ALA B 270 -5.36 -0.83 -23.25
C ALA B 270 -3.93 -1.25 -23.61
N ALA B 271 -3.47 -0.79 -24.78
CA ALA B 271 -2.14 -1.13 -25.29
C ALA B 271 -1.46 0.05 -25.98
N GLU B 272 -0.19 0.27 -25.63
CA GLU B 272 0.69 1.25 -26.29
C GLU B 272 2.10 0.67 -26.49
N GLU B 273 2.76 1.15 -27.54
CA GLU B 273 4.16 0.78 -27.82
C GLU B 273 5.03 2.00 -28.11
N ALA B 274 6.30 1.93 -27.69
CA ALA B 274 7.28 3.00 -27.90
C ALA B 274 7.73 3.09 -29.36
N GLN B 275 7.97 4.32 -29.80
CA GLN B 275 8.48 4.63 -31.15
C GLN B 275 9.93 4.18 -31.33
N GLU B 276 10.73 4.28 -30.26
CA GLU B 276 12.16 3.97 -30.28
C GLU B 276 12.44 2.48 -30.16
N LYS B 277 13.38 2.00 -30.98
CA LYS B 277 13.95 0.66 -30.83
C LYS B 277 15.26 0.70 -30.04
N VAL B 278 15.50 -0.34 -29.25
CA VAL B 278 16.69 -0.44 -28.41
C VAL B 278 17.86 -1.05 -29.20
N PRO B 279 18.97 -0.29 -29.35
CA PRO B 279 20.16 -0.75 -30.09
C PRO B 279 20.94 -1.88 -29.39
N PRO B 280 21.81 -2.62 -30.13
CA PRO B 280 22.75 -3.54 -29.49
C PRO B 280 23.78 -2.81 -28.62
N ASN B 281 24.00 -3.35 -27.41
CA ASN B 281 24.82 -2.75 -26.35
C ASN B 281 24.46 -1.29 -26.00
N SER B 282 23.16 -1.08 -25.74
CA SER B 282 22.59 0.22 -25.36
C SER B 282 21.33 0.04 -24.52
N SER B 283 21.04 1.01 -23.65
CA SER B 283 19.92 0.94 -22.71
C SER B 283 18.82 1.97 -23.00
N LEU B 284 17.62 1.70 -22.49
CA LEU B 284 16.49 2.63 -22.55
C LEU B 284 15.63 2.57 -21.30
N THR B 285 15.41 3.74 -20.69
CA THR B 285 14.47 3.92 -19.58
C THR B 285 13.37 4.88 -20.00
N LYS B 286 12.20 4.32 -20.33
CA LYS B 286 11.04 5.06 -20.80
C LYS B 286 9.80 4.76 -19.97
N THR B 287 9.05 5.80 -19.65
CA THR B 287 7.75 5.69 -18.96
C THR B 287 6.59 5.81 -19.96
N LEU B 288 5.68 4.84 -19.91
CA LEU B 288 4.51 4.80 -20.79
C LEU B 288 3.22 4.80 -19.98
N THR B 289 2.35 5.77 -20.28
CA THR B 289 1.06 5.93 -19.60
C THR B 289 -0.07 5.26 -20.39
N LEU B 290 -0.84 4.42 -19.70
CA LEU B 290 -1.96 3.69 -20.30
C LEU B 290 -3.27 3.98 -19.56
N VAL B 291 -4.29 4.33 -20.35
CA VAL B 291 -5.64 4.59 -19.83
C VAL B 291 -6.58 3.45 -20.27
N PRO B 292 -7.00 2.57 -19.31
CA PRO B 292 -8.05 1.60 -19.60
C PRO B 292 -9.44 2.24 -19.51
N LEU B 293 -10.19 2.17 -20.60
CA LEU B 293 -11.55 2.69 -20.68
C LEU B 293 -12.46 1.73 -21.43
N LEU B 294 -13.71 1.65 -20.98
CA LEU B 294 -14.77 0.90 -21.67
C LEU B 294 -15.16 1.58 -23.00
N ALA B 295 -15.08 2.91 -23.04
CA ALA B 295 -15.33 3.72 -24.25
C ALA B 295 -14.43 3.34 -25.44
N ASN B 296 -13.20 2.93 -25.14
CA ASN B 296 -12.28 2.35 -26.13
C ASN B 296 -12.45 0.84 -26.33
N ASN B 297 -13.11 0.17 -25.38
CA ASN B 297 -13.24 -1.29 -25.35
C ASN B 297 -14.64 -1.86 -25.62
N ARG B 298 -15.51 -1.04 -26.22
CA ARG B 298 -16.86 -1.43 -26.63
C ARG B 298 -16.83 -2.45 -27.78
N GLU B 299 -17.97 -3.12 -28.00
CA GLU B 299 -18.23 -4.07 -29.11
C GLU B 299 -17.52 -5.44 -29.02
N ARG B 300 -16.73 -5.64 -27.96
CA ARG B 300 -15.95 -6.87 -27.77
C ARG B 300 -16.63 -7.82 -26.79
N ARG B 301 -16.73 -9.09 -27.19
CA ARG B 301 -17.42 -10.13 -26.43
C ARG B 301 -16.62 -10.60 -25.23
N GLY B 302 -17.30 -10.70 -24.08
CA GLY B 302 -16.73 -11.28 -22.86
C GLY B 302 -15.92 -10.35 -21.96
N ILE B 303 -15.97 -9.04 -22.26
CA ILE B 303 -15.32 -8.01 -21.43
C ILE B 303 -16.16 -7.82 -20.15
N ALA B 304 -15.49 -8.03 -19.01
CA ALA B 304 -16.12 -7.93 -17.68
C ALA B 304 -16.36 -6.47 -17.27
N LEU B 305 -17.59 -6.20 -16.84
CA LEU B 305 -18.05 -4.86 -16.45
C LEU B 305 -18.66 -4.88 -15.06
N ASP B 306 -18.57 -3.75 -14.35
CA ASP B 306 -19.27 -3.56 -13.08
C ASP B 306 -20.79 -3.53 -13.29
N GLY B 307 -21.51 -4.24 -12.42
CA GLY B 307 -22.95 -4.46 -12.54
C GLY B 307 -23.79 -3.21 -12.50
N LYS B 308 -24.77 -3.14 -13.41
CA LYS B 308 -25.68 -2.01 -13.54
C LYS B 308 -26.82 -2.10 -12.51
N ILE B 309 -27.38 -0.94 -12.14
CA ILE B 309 -28.64 -0.88 -11.38
C ILE B 309 -29.80 -1.18 -12.34
N LYS B 310 -29.99 -0.30 -13.33
CA LYS B 310 -31.04 -0.44 -14.35
C LYS B 310 -30.66 0.33 -15.63
N HIS B 311 -29.96 -0.37 -16.52
CA HIS B 311 -29.64 0.08 -17.90
C HIS B 311 -28.79 1.34 -18.06
N GLU B 312 -28.19 1.81 -16.97
CA GLU B 312 -27.31 3.00 -16.99
C GLU B 312 -25.93 2.70 -17.61
N ASP B 313 -25.18 3.76 -17.89
CA ASP B 313 -23.80 3.64 -18.40
C ASP B 313 -22.84 3.16 -17.30
N THR B 314 -21.99 2.20 -17.66
CA THR B 314 -21.09 1.51 -16.71
C THR B 314 -19.60 1.69 -17.04
N ASN B 315 -18.73 1.09 -16.23
CA ASN B 315 -17.29 1.01 -16.46
C ASN B 315 -16.79 -0.44 -16.49
N LEU B 316 -15.49 -0.62 -16.75
CA LEU B 316 -14.80 -1.91 -16.63
C LEU B 316 -14.86 -2.43 -15.19
N ALA B 317 -14.98 -3.75 -15.03
CA ALA B 317 -15.17 -4.41 -13.73
C ALA B 317 -14.02 -4.13 -12.76
N SER B 318 -14.38 -3.86 -11.51
CA SER B 318 -13.42 -3.66 -10.43
C SER B 318 -12.73 -4.97 -10.05
N SER B 319 -11.49 -4.84 -9.54
CA SER B 319 -10.70 -5.97 -9.05
C SER B 319 -11.37 -6.60 -7.83
N THR B 320 -11.62 -7.91 -7.91
CA THR B 320 -12.27 -8.66 -6.83
C THR B 320 -11.27 -8.98 -5.73
N ILE B 321 -11.63 -8.61 -4.50
CA ILE B 321 -10.86 -8.99 -3.30
C ILE B 321 -11.64 -10.06 -2.53
N ILE B 322 -11.00 -11.20 -2.35
CA ILE B 322 -11.54 -12.35 -1.64
C ILE B 322 -10.91 -12.41 -0.24
N LYS B 323 -11.73 -12.77 0.76
CA LYS B 323 -11.28 -13.03 2.14
C LYS B 323 -10.32 -14.24 2.18
N GLU B 324 -9.24 -14.08 2.96
CA GLU B 324 -8.18 -15.08 3.05
C GLU B 324 -8.53 -16.21 4.02
N GLY B 325 -8.19 -17.45 3.60
CA GLY B 325 -8.34 -18.64 4.43
C GLY B 325 -9.76 -19.13 4.65
N ILE B 326 -10.63 -18.88 3.68
CA ILE B 326 -12.04 -19.31 3.71
C ILE B 326 -12.21 -20.76 3.22
N ASP B 327 -13.19 -21.46 3.80
CA ASP B 327 -13.43 -22.89 3.54
C ASP B 327 -14.00 -23.20 2.16
N LYS B 328 -15.00 -22.42 1.74
CA LYS B 328 -15.75 -22.66 0.50
C LYS B 328 -15.26 -21.79 -0.66
N THR B 329 -15.20 -22.39 -1.85
CA THR B 329 -14.75 -21.69 -3.06
C THR B 329 -15.79 -20.72 -3.61
N VAL B 330 -15.33 -19.54 -4.02
CA VAL B 330 -16.18 -18.46 -4.53
C VAL B 330 -16.53 -18.71 -6.00
N MET B 331 -17.82 -18.85 -6.27
CA MET B 331 -18.35 -19.04 -7.62
C MET B 331 -18.74 -17.69 -8.26
N GLY B 332 -19.00 -17.70 -9.56
CA GLY B 332 -19.42 -16.50 -10.31
C GLY B 332 -18.34 -15.95 -11.21
N ILE B 333 -18.29 -14.61 -11.31
CA ILE B 333 -17.28 -13.92 -12.13
C ILE B 333 -16.30 -13.15 -11.24
N LEU B 334 -15.04 -13.57 -11.27
CA LEU B 334 -13.95 -12.97 -10.49
C LEU B 334 -12.95 -12.29 -11.42
N VAL B 335 -12.64 -11.03 -11.12
CA VAL B 335 -11.91 -10.14 -12.04
C VAL B 335 -10.55 -9.71 -11.45
N SER B 336 -9.50 -9.92 -12.24
CA SER B 336 -8.12 -9.54 -11.89
C SER B 336 -7.48 -8.68 -13.00
N TYR B 337 -6.51 -7.86 -12.61
CA TYR B 337 -5.79 -6.99 -13.55
C TYR B 337 -4.27 -7.11 -13.44
N GLN B 338 -3.59 -6.95 -14.58
CA GLN B 338 -2.13 -7.02 -14.67
C GLN B 338 -1.57 -6.19 -15.84
N ILE B 339 -0.42 -5.56 -15.61
CA ILE B 339 0.38 -4.92 -16.66
C ILE B 339 1.36 -5.96 -17.20
N LYS B 340 1.29 -6.19 -18.52
CA LYS B 340 2.24 -7.03 -19.22
C LYS B 340 3.12 -6.21 -20.16
N VAL B 341 4.43 -6.43 -20.06
CA VAL B 341 5.41 -5.86 -20.98
C VAL B 341 6.07 -6.95 -21.85
N LYS B 342 5.90 -6.82 -23.16
CA LYS B 342 6.40 -7.78 -24.14
C LYS B 342 7.57 -7.21 -24.94
N LEU B 343 8.63 -7.99 -25.03
CA LEU B 343 9.87 -7.60 -25.73
C LEU B 343 10.20 -8.59 -26.84
N THR B 344 10.07 -8.13 -28.08
CA THR B 344 10.48 -8.89 -29.26
C THR B 344 11.98 -8.70 -29.49
N VAL B 345 12.73 -9.78 -29.26
CA VAL B 345 14.19 -9.82 -29.50
C VAL B 345 14.52 -10.67 -30.73
N SER B 346 15.58 -10.27 -31.45
CA SER B 346 16.08 -11.01 -32.59
C SER B 346 16.73 -12.33 -32.13
N GLY B 347 15.99 -13.42 -32.30
CA GLY B 347 16.37 -14.73 -31.76
C GLY B 347 17.30 -15.51 -32.66
N LEU B 348 17.04 -16.81 -32.76
CA LEU B 348 17.81 -17.72 -33.62
C LEU B 348 17.56 -17.47 -35.11
N LEU B 349 18.47 -17.96 -35.95
CA LEU B 349 18.40 -17.88 -37.43
C LEU B 349 18.54 -16.47 -38.04
N GLY B 350 18.86 -15.48 -37.21
CA GLY B 350 19.19 -14.13 -37.67
C GLY B 350 18.22 -13.03 -37.29
N GLU B 351 18.37 -11.88 -37.96
CA GLU B 351 17.54 -10.68 -37.73
C GLU B 351 16.10 -10.82 -38.24
N LEU B 352 15.91 -11.64 -39.28
CA LEU B 352 14.62 -11.87 -39.91
C LEU B 352 13.60 -12.59 -39.02
N THR B 353 14.09 -13.54 -38.22
CA THR B 353 13.27 -14.29 -37.25
C THR B 353 13.44 -13.74 -35.84
N SER B 354 12.33 -13.69 -35.09
CA SER B 354 12.28 -13.07 -33.76
C SER B 354 11.54 -13.92 -32.73
N SER B 355 11.96 -13.76 -31.46
CA SER B 355 11.35 -14.43 -30.32
C SER B 355 11.00 -13.44 -29.20
N GLU B 356 10.19 -13.87 -28.23
CA GLU B 356 9.62 -12.99 -27.20
C GLU B 356 10.10 -13.26 -25.77
N VAL B 357 10.27 -12.17 -25.02
CA VAL B 357 10.45 -12.21 -23.55
C VAL B 357 9.48 -11.24 -22.86
N ALA B 358 8.85 -11.71 -21.78
CA ALA B 358 7.75 -10.99 -21.13
C ALA B 358 7.81 -10.96 -19.60
N THR B 359 7.18 -9.92 -19.03
CA THR B 359 7.00 -9.77 -17.57
C THR B 359 5.57 -9.33 -17.25
N GLU B 360 4.92 -10.05 -16.33
CA GLU B 360 3.57 -9.74 -15.85
C GLU B 360 3.63 -9.23 -14.41
N VAL B 361 3.04 -8.05 -14.19
CA VAL B 361 2.95 -7.43 -12.85
C VAL B 361 1.49 -7.02 -12.56
N PRO B 362 0.85 -7.62 -11.52
CA PRO B 362 -0.55 -7.33 -11.19
C PRO B 362 -0.79 -5.98 -10.52
N PHE B 363 -2.02 -5.47 -10.67
CA PHE B 363 -2.49 -4.25 -9.99
C PHE B 363 -4.02 -4.30 -9.77
N ARG B 364 -4.52 -3.37 -8.96
CA ARG B 364 -5.96 -3.23 -8.69
C ARG B 364 -6.54 -2.00 -9.38
N LEU B 365 -7.62 -2.21 -10.13
CA LEU B 365 -8.41 -1.13 -10.72
C LEU B 365 -9.76 -1.05 -10.01
N MET B 366 -9.95 0.01 -9.21
CA MET B 366 -11.05 0.10 -8.23
C MET B 366 -11.65 1.51 -8.12
N HIS B 367 -12.91 1.57 -7.72
CA HIS B 367 -13.59 2.83 -7.38
C HIS B 367 -13.09 3.42 -6.07
N PRO B 368 -13.04 4.77 -5.97
CA PRO B 368 -12.63 5.41 -4.71
C PRO B 368 -13.65 5.29 -3.57
N GLN B 369 -13.17 5.39 -2.34
CA GLN B 369 -14.00 5.37 -1.13
C GLN B 369 -14.85 6.66 -1.04
N PRO B 370 -16.19 6.49 -0.81
CA PRO B 370 -17.09 7.66 -0.74
C PRO B 370 -16.94 8.46 0.56
#